data_2Q6D
#
_entry.id   2Q6D
#
_cell.length_a   118.900
_cell.length_b   118.900
_cell.length_c   270.862
_cell.angle_alpha   90.00
_cell.angle_beta   90.00
_cell.angle_gamma   120.00
#
_symmetry.space_group_name_H-M   'P 61 2 2'
#
loop_
_entity.id
_entity.type
_entity.pdbx_description
1 polymer 'Infectious bronchitis virus (IBV) main protease'
2 water water
#
_entity_poly.entity_id   1
_entity_poly.type   'polypeptide(L)'
_entity_poly.pdbx_seq_one_letter_code
;GSSGFKKLVSPSSAVEKCIVSVSYRGNNLNGLWLGDSIYCPRHVLGKFSGDQWGDVLNLANNHEFEVVTQNGVTLNVVSR
RLKGAVLILQTAVANAETPKYKFVKANCGDSFTIACSYGGTVIGLYPVTMRSNGTIRASFLAGACGSVGFNIEKGVVNFF
YMHHLELPNALHTGTDLMGEFYGGYVDEEVAQRVPPDNLVTNNIVAWLYAAIISVKESSFSQPKWLESTTVSIEDYNRWA
SDNGFTPFSTSTAITKLSAITGVDVCKLLRTIMVKSAQWGSDPILGQYNFEDELTPESVFNQVGGVRLQ
;
_entity_poly.pdbx_strand_id   A,B,C
#
# COMPACT_ATOMS: atom_id res chain seq x y z
N SER A 3 -20.16 18.26 7.26
CA SER A 3 -21.16 17.40 7.88
C SER A 3 -20.86 17.22 9.36
N GLY A 4 -21.87 16.78 10.12
CA GLY A 4 -21.68 16.43 11.51
C GLY A 4 -21.71 14.93 11.71
N PHE A 5 -21.91 14.20 10.61
CA PHE A 5 -21.39 12.88 10.46
C PHE A 5 -19.92 12.84 10.15
N LYS A 6 -19.13 12.16 10.97
CA LYS A 6 -17.69 12.07 10.76
C LYS A 6 -17.17 10.66 10.57
N LYS A 7 -15.98 10.55 9.98
CA LYS A 7 -15.34 9.25 9.77
C LYS A 7 -14.59 8.94 11.07
N LEU A 8 -15.26 8.21 11.95
CA LEU A 8 -14.71 7.88 13.26
C LEU A 8 -13.54 6.91 13.34
N VAL A 9 -12.65 7.21 14.27
CA VAL A 9 -11.48 6.43 14.54
C VAL A 9 -11.67 5.91 15.96
N SER A 10 -11.27 4.66 16.20
CA SER A 10 -11.41 4.08 17.53
C SER A 10 -10.32 4.56 18.47
N PRO A 11 -10.63 4.66 19.78
CA PRO A 11 -9.65 5.10 20.77
C PRO A 11 -8.56 4.03 20.78
N SER A 12 -7.35 4.40 21.18
CA SER A 12 -6.25 3.47 21.11
C SER A 12 -5.50 3.00 22.37
N SER A 13 -5.87 3.50 23.55
CA SER A 13 -5.15 3.09 24.76
C SER A 13 -5.00 1.59 24.96
N ALA A 14 -6.11 0.86 24.90
CA ALA A 14 -6.06 -0.59 25.09
C ALA A 14 -5.14 -1.22 24.05
N VAL A 15 -5.24 -0.78 22.80
CA VAL A 15 -4.41 -1.33 21.74
C VAL A 15 -2.93 -0.97 21.89
N GLU A 16 -2.64 0.26 22.31
CA GLU A 16 -1.26 0.67 22.47
C GLU A 16 -0.48 -0.18 23.47
N LYS A 17 -1.18 -0.72 24.47
CA LYS A 17 -0.54 -1.56 25.46
C LYS A 17 -0.17 -2.92 24.88
N CYS A 18 -0.64 -3.20 23.68
CA CYS A 18 -0.35 -4.48 23.06
C CYS A 18 0.61 -4.40 21.88
N ILE A 19 0.98 -3.19 21.46
CA ILE A 19 1.89 -3.02 20.33
C ILE A 19 3.34 -3.11 20.82
N VAL A 20 4.15 -3.92 20.13
CA VAL A 20 5.53 -4.07 20.52
C VAL A 20 6.53 -4.01 19.36
N SER A 21 7.80 -3.95 19.71
CA SER A 21 8.89 -3.90 18.75
C SER A 21 9.48 -5.31 18.57
N VAL A 22 9.53 -5.78 17.33
CA VAL A 22 10.06 -7.11 17.03
C VAL A 22 11.23 -6.99 16.06
N SER A 23 12.44 -7.19 16.58
CA SER A 23 13.64 -7.11 15.78
C SER A 23 14.26 -8.49 15.69
N TYR A 24 14.79 -8.80 14.52
CA TYR A 24 15.41 -10.10 14.31
C TYR A 24 16.86 -9.93 13.84
N ARG A 25 17.05 -10.37 12.65
CA ARG A 25 18.36 -10.28 12.11
C ARG A 25 18.36 -9.23 11.06
N GLY A 26 18.59 -8.08 11.62
CA GLY A 26 18.65 -6.87 10.90
C GLY A 26 17.22 -6.38 10.67
N ASN A 27 16.33 -7.28 10.31
CA ASN A 27 14.94 -6.91 10.02
C ASN A 27 14.26 -6.33 11.25
N ASN A 28 13.30 -5.44 11.02
CA ASN A 28 12.63 -4.79 12.14
C ASN A 28 11.20 -4.39 11.77
N LEU A 29 10.26 -4.60 12.69
CA LEU A 29 8.86 -4.22 12.46
C LEU A 29 8.00 -4.29 13.74
N ASN A 30 6.68 -4.16 13.58
CA ASN A 30 5.77 -4.17 14.73
C ASN A 30 5.12 -5.53 15.05
N GLY A 31 4.72 -5.70 16.31
CA GLY A 31 4.06 -6.92 16.74
C GLY A 31 2.86 -6.62 17.62
N LEU A 32 1.95 -7.59 17.75
CA LEU A 32 0.76 -7.42 18.60
C LEU A 32 0.87 -8.47 19.71
N TRP A 33 0.96 -8.00 20.96
CA TRP A 33 1.11 -8.90 22.11
C TRP A 33 -0.22 -9.06 22.89
N LEU A 34 -0.77 -10.28 22.83
CA LEU A 34 -2.01 -10.64 23.50
C LEU A 34 -1.82 -11.99 24.21
N GLY A 35 -2.15 -12.04 25.50
CA GLY A 35 -1.96 -13.26 26.26
C GLY A 35 -0.47 -13.41 26.32
N ASP A 36 0.05 -14.57 25.91
CA ASP A 36 1.49 -14.75 25.92
C ASP A 36 2.00 -15.02 24.50
N SER A 37 1.29 -14.45 23.54
CA SER A 37 1.65 -14.60 22.13
C SER A 37 1.97 -13.24 21.47
N ILE A 38 2.92 -13.22 20.55
CA ILE A 38 3.25 -12.01 19.80
C ILE A 38 2.99 -12.34 18.32
N TYR A 39 2.09 -11.61 17.69
CA TYR A 39 1.79 -11.83 16.27
C TYR A 39 2.46 -10.73 15.43
N CYS A 40 3.23 -11.12 14.41
CA CYS A 40 3.92 -10.20 13.50
C CYS A 40 4.08 -10.86 12.12
N PRO A 41 4.37 -10.07 11.07
CA PRO A 41 4.52 -10.70 9.75
C PRO A 41 5.72 -11.65 9.76
N ARG A 42 5.60 -12.79 9.08
CA ARG A 42 6.69 -13.75 9.04
C ARG A 42 7.91 -13.26 8.26
N HIS A 43 7.71 -12.36 7.31
CA HIS A 43 8.85 -11.88 6.54
C HIS A 43 9.89 -11.18 7.41
N VAL A 44 9.61 -11.04 8.70
CA VAL A 44 10.60 -10.43 9.59
C VAL A 44 11.79 -11.41 9.57
N LEU A 45 11.50 -12.64 9.17
CA LEU A 45 12.50 -13.71 9.07
C LEU A 45 13.41 -13.49 7.87
N GLY A 46 12.88 -12.76 6.89
CA GLY A 46 13.63 -12.47 5.68
C GLY A 46 12.74 -12.68 4.49
N LYS A 47 13.33 -12.71 3.29
CA LYS A 47 12.54 -12.94 2.09
C LYS A 47 12.64 -14.41 1.69
N PHE A 48 11.52 -15.09 1.59
CA PHE A 48 11.48 -16.52 1.36
C PHE A 48 10.20 -16.76 0.63
N SER A 49 9.87 -17.99 0.37
CA SER A 49 8.74 -18.25 -0.46
C SER A 49 8.00 -19.53 -0.15
N GLY A 50 6.87 -19.71 -0.78
CA GLY A 50 6.16 -20.94 -0.66
C GLY A 50 6.47 -21.60 0.64
N ASP A 51 7.47 -22.45 0.64
CA ASP A 51 7.40 -23.62 1.47
C ASP A 51 8.53 -23.58 2.44
N GLN A 52 9.24 -22.47 2.49
CA GLN A 52 10.51 -22.47 3.15
C GLN A 52 10.43 -21.81 4.45
N TRP A 53 9.41 -21.00 4.64
CA TRP A 53 9.15 -20.36 5.91
C TRP A 53 9.29 -21.31 7.10
N GLY A 54 8.66 -22.48 7.02
CA GLY A 54 8.75 -23.46 8.09
C GLY A 54 10.18 -23.87 8.41
N ASP A 55 10.94 -24.23 7.37
CA ASP A 55 12.32 -24.66 7.56
C ASP A 55 13.15 -23.53 8.12
N VAL A 56 12.88 -22.32 7.65
CA VAL A 56 13.58 -21.14 8.14
C VAL A 56 13.34 -20.92 9.63
N LEU A 57 12.08 -21.01 10.05
CA LEU A 57 11.73 -20.82 11.45
C LEU A 57 12.52 -21.76 12.37
N ASN A 58 12.60 -23.04 11.99
CA ASN A 58 13.33 -24.04 12.80
C ASN A 58 14.80 -23.71 13.04
N LEU A 59 15.39 -22.92 12.14
CA LEU A 59 16.79 -22.57 12.28
C LEU A 59 17.01 -21.42 13.27
N ALA A 60 15.95 -20.64 13.52
CA ALA A 60 16.04 -19.50 14.41
C ALA A 60 16.16 -19.86 15.89
N ASN A 61 16.91 -19.04 16.62
CA ASN A 61 17.06 -19.22 18.06
C ASN A 61 16.14 -18.18 18.68
N ASN A 62 15.21 -18.62 19.52
CA ASN A 62 14.25 -17.72 20.15
C ASN A 62 14.91 -16.48 20.73
N HIS A 63 16.18 -16.61 21.14
CA HIS A 63 16.90 -15.51 21.73
C HIS A 63 17.34 -14.46 20.72
N GLU A 64 17.20 -14.79 19.43
CA GLU A 64 17.55 -13.85 18.37
C GLU A 64 16.41 -12.86 18.15
N PHE A 65 15.23 -13.21 18.64
CA PHE A 65 14.05 -12.36 18.51
C PHE A 65 14.07 -11.36 19.64
N GLU A 66 14.32 -10.10 19.30
CA GLU A 66 14.34 -9.04 20.30
C GLU A 66 12.98 -8.37 20.29
N VAL A 67 12.24 -8.55 21.37
CA VAL A 67 10.92 -7.96 21.50
C VAL A 67 10.99 -6.95 22.64
N VAL A 68 10.53 -5.74 22.36
CA VAL A 68 10.55 -4.67 23.36
C VAL A 68 9.20 -3.99 23.42
N THR A 69 8.74 -3.73 24.64
CA THR A 69 7.45 -3.07 24.86
C THR A 69 7.66 -1.55 24.78
N GLN A 70 6.57 -0.79 24.71
CA GLN A 70 6.70 0.66 24.63
C GLN A 70 7.36 1.21 25.90
N ASN A 71 7.30 0.45 26.99
CA ASN A 71 7.89 0.84 28.26
C ASN A 71 9.39 0.52 28.25
N GLY A 72 9.86 -0.02 27.13
CA GLY A 72 11.28 -0.37 27.00
C GLY A 72 11.66 -1.72 27.56
N VAL A 73 10.69 -2.45 28.11
CA VAL A 73 10.95 -3.76 28.67
C VAL A 73 11.22 -4.79 27.57
N THR A 74 12.24 -5.61 27.76
CA THR A 74 12.58 -6.64 26.80
C THR A 74 11.84 -7.93 27.18
N LEU A 75 11.20 -8.55 26.21
CA LEU A 75 10.45 -9.78 26.45
C LEU A 75 11.22 -11.00 25.97
N ASN A 76 11.31 -12.02 26.82
CA ASN A 76 12.02 -13.24 26.46
C ASN A 76 11.09 -14.19 25.69
N VAL A 77 11.51 -14.57 24.48
CA VAL A 77 10.74 -15.47 23.62
C VAL A 77 11.08 -16.92 24.02
N VAL A 78 10.05 -17.74 24.26
CA VAL A 78 10.29 -19.12 24.69
C VAL A 78 9.86 -20.23 23.74
N SER A 79 9.14 -19.89 22.68
CA SER A 79 8.73 -20.88 21.71
C SER A 79 8.18 -20.12 20.52
N ARG A 80 7.96 -20.83 19.41
CA ARG A 80 7.48 -20.20 18.19
C ARG A 80 6.69 -21.13 17.28
N ARG A 81 5.99 -20.53 16.32
CA ARG A 81 5.20 -21.26 15.33
C ARG A 81 4.82 -20.29 14.22
N LEU A 82 4.28 -20.84 13.14
CA LEU A 82 3.80 -20.07 12.01
C LEU A 82 2.33 -20.39 11.89
N LYS A 83 1.57 -19.44 11.38
CA LYS A 83 0.13 -19.57 11.22
C LYS A 83 -0.12 -18.71 10.00
N GLY A 84 -0.34 -19.34 8.85
CA GLY A 84 -0.55 -18.59 7.64
C GLY A 84 0.71 -17.74 7.44
N ALA A 85 0.55 -16.52 6.97
CA ALA A 85 1.71 -15.65 6.76
C ALA A 85 2.10 -14.90 8.05
N VAL A 86 1.57 -15.34 9.17
CA VAL A 86 1.85 -14.69 10.44
C VAL A 86 2.73 -15.52 11.33
N LEU A 87 3.74 -14.88 11.90
CA LEU A 87 4.66 -15.53 12.81
C LEU A 87 4.08 -15.27 14.21
N ILE A 88 4.17 -16.26 15.09
CA ILE A 88 3.65 -16.15 16.45
C ILE A 88 4.71 -16.63 17.42
N LEU A 89 5.13 -15.71 18.30
CA LEU A 89 6.15 -16.03 19.28
C LEU A 89 5.53 -16.09 20.66
N GLN A 90 6.02 -17.00 21.48
CA GLN A 90 5.51 -17.10 22.84
C GLN A 90 6.46 -16.34 23.75
N THR A 91 5.89 -15.53 24.64
CA THR A 91 6.68 -14.78 25.59
C THR A 91 6.71 -15.53 26.91
N ALA A 92 7.82 -15.41 27.62
CA ALA A 92 7.98 -16.07 28.90
C ALA A 92 6.85 -15.65 29.84
N VAL A 93 6.40 -14.41 29.70
CA VAL A 93 5.33 -13.91 30.55
C VAL A 93 4.15 -13.40 29.72
N ALA A 94 2.95 -13.51 30.26
CA ALA A 94 1.75 -13.05 29.57
C ALA A 94 1.58 -11.55 29.75
N ASN A 95 0.92 -10.92 28.78
CA ASN A 95 0.65 -9.50 28.81
C ASN A 95 -0.55 -9.34 29.75
N ALA A 96 -0.28 -8.96 30.99
CA ALA A 96 -1.34 -8.81 31.97
C ALA A 96 -2.30 -7.67 31.60
N GLU A 97 -2.03 -6.92 30.55
CA GLU A 97 -2.95 -5.87 30.15
C GLU A 97 -3.60 -6.18 28.82
N THR A 98 -3.91 -7.46 28.60
CA THR A 98 -4.56 -7.90 27.37
C THR A 98 -6.04 -7.53 27.46
N PRO A 99 -6.55 -6.77 26.47
CA PRO A 99 -7.97 -6.41 26.53
C PRO A 99 -8.84 -7.53 25.98
N LYS A 100 -10.15 -7.47 26.25
CA LYS A 100 -11.04 -8.46 25.70
C LYS A 100 -10.92 -8.20 24.20
N TYR A 101 -10.76 -9.25 23.42
CA TYR A 101 -10.61 -9.08 21.99
C TYR A 101 -11.11 -10.27 21.20
N LYS A 102 -11.12 -10.10 19.89
CA LYS A 102 -11.56 -11.16 19.02
C LYS A 102 -10.96 -10.87 17.65
N PHE A 103 -10.55 -11.91 16.96
CA PHE A 103 -9.98 -11.78 15.63
C PHE A 103 -11.15 -11.93 14.66
N VAL A 104 -11.34 -10.93 13.81
CA VAL A 104 -12.42 -10.94 12.82
C VAL A 104 -11.89 -10.56 11.46
N LYS A 105 -12.40 -11.22 10.43
CA LYS A 105 -11.98 -10.92 9.08
C LYS A 105 -12.86 -9.78 8.57
N ALA A 106 -12.23 -8.71 8.07
CA ALA A 106 -13.00 -7.59 7.55
C ALA A 106 -13.57 -7.96 6.19
N ASN A 107 -14.78 -7.52 5.93
CA ASN A 107 -15.46 -7.76 4.66
C ASN A 107 -15.30 -6.50 3.82
N CYS A 108 -15.58 -6.62 2.53
CA CYS A 108 -15.48 -5.47 1.63
C CYS A 108 -16.40 -4.37 2.14
N GLY A 109 -15.83 -3.21 2.40
CA GLY A 109 -16.65 -2.11 2.90
C GLY A 109 -16.52 -1.82 4.38
N ASP A 110 -16.02 -2.79 5.15
CA ASP A 110 -15.85 -2.56 6.59
C ASP A 110 -14.75 -1.54 6.78
N SER A 111 -14.93 -0.65 7.74
CA SER A 111 -13.91 0.33 8.03
C SER A 111 -13.42 0.08 9.45
N PHE A 112 -12.14 0.36 9.67
CA PHE A 112 -11.53 0.20 10.97
C PHE A 112 -10.38 1.16 11.07
N THR A 113 -9.68 1.13 12.18
CA THR A 113 -8.59 2.03 12.43
C THR A 113 -7.22 1.37 12.34
N ILE A 114 -6.28 2.08 11.72
CA ILE A 114 -4.91 1.60 11.63
C ILE A 114 -4.10 2.28 12.73
N ALA A 115 -3.40 1.47 13.54
CA ALA A 115 -2.54 2.01 14.57
C ALA A 115 -1.23 2.24 13.84
N CYS A 116 -1.05 3.45 13.33
CA CYS A 116 0.17 3.79 12.60
C CYS A 116 1.34 3.61 13.56
N SER A 117 2.12 2.55 13.37
CA SER A 117 3.22 2.30 14.30
C SER A 117 4.60 2.15 13.69
N TYR A 118 5.61 2.54 14.49
CA TYR A 118 7.02 2.47 14.13
C TYR A 118 7.78 2.09 15.38
N GLY A 119 8.60 1.05 15.27
CA GLY A 119 9.39 0.58 16.39
C GLY A 119 8.55 0.25 17.61
N GLY A 120 7.33 -0.21 17.40
CA GLY A 120 6.48 -0.55 18.53
C GLY A 120 5.76 0.63 19.16
N THR A 121 5.81 1.79 18.53
CA THR A 121 5.15 2.97 19.06
C THR A 121 4.09 3.46 18.08
N VAL A 122 2.92 3.79 18.61
CA VAL A 122 1.85 4.30 17.76
C VAL A 122 2.06 5.81 17.73
N ILE A 123 2.30 6.37 16.55
CA ILE A 123 2.52 7.81 16.44
C ILE A 123 1.27 8.52 15.96
N GLY A 124 0.33 7.75 15.40
CA GLY A 124 -0.89 8.33 14.91
C GLY A 124 -1.93 7.28 14.58
N LEU A 125 -3.14 7.73 14.25
CA LEU A 125 -4.24 6.85 13.90
C LEU A 125 -4.96 7.43 12.71
N TYR A 126 -5.54 6.57 11.87
CA TYR A 126 -6.30 7.02 10.70
C TYR A 126 -7.25 5.92 10.27
N PRO A 127 -8.40 6.29 9.69
CA PRO A 127 -9.32 5.24 9.28
C PRO A 127 -9.08 4.73 7.86
N VAL A 128 -9.43 3.49 7.60
CA VAL A 128 -9.30 2.92 6.26
C VAL A 128 -10.53 2.06 6.13
N THR A 129 -10.75 1.56 4.93
CA THR A 129 -11.88 0.69 4.68
C THR A 129 -11.34 -0.44 3.83
N MET A 130 -11.89 -1.65 3.99
CA MET A 130 -11.44 -2.80 3.23
C MET A 130 -12.07 -2.76 1.84
N ARG A 131 -11.23 -2.61 0.83
CA ARG A 131 -11.70 -2.53 -0.57
C ARG A 131 -11.93 -3.89 -1.24
N SER A 132 -12.79 -3.89 -2.24
CA SER A 132 -13.15 -5.08 -3.00
C SER A 132 -11.99 -5.97 -3.46
N ASN A 133 -10.83 -5.39 -3.69
CA ASN A 133 -9.68 -6.16 -4.14
C ASN A 133 -8.73 -6.59 -3.02
N GLY A 134 -9.17 -6.46 -1.77
CA GLY A 134 -8.33 -6.86 -0.65
C GLY A 134 -7.21 -5.90 -0.29
N THR A 135 -7.37 -4.63 -0.64
CA THR A 135 -6.35 -3.65 -0.29
C THR A 135 -7.01 -2.54 0.51
N ILE A 136 -6.20 -1.69 1.10
CA ILE A 136 -6.72 -0.59 1.86
C ILE A 136 -5.87 0.60 1.47
N ARG A 137 -6.48 1.77 1.34
CA ARG A 137 -5.70 2.95 1.01
C ARG A 137 -5.32 3.58 2.34
N ALA A 138 -4.06 3.39 2.72
CA ALA A 138 -3.54 3.93 3.95
C ALA A 138 -2.93 5.29 3.70
N SER A 139 -2.27 5.82 4.71
CA SER A 139 -1.59 7.09 4.62
C SER A 139 -0.23 6.81 4.01
N PHE A 140 0.33 7.76 3.27
CA PHE A 140 1.65 7.57 2.68
C PHE A 140 2.57 7.27 3.85
N LEU A 141 2.19 7.76 5.05
CA LEU A 141 2.94 7.49 6.28
C LEU A 141 2.07 6.45 6.99
N ALA A 142 1.97 5.28 6.35
CA ALA A 142 1.14 4.16 6.79
C ALA A 142 1.54 3.40 8.06
N GLY A 143 2.72 3.67 8.60
CA GLY A 143 3.16 2.92 9.77
C GLY A 143 3.85 1.67 9.24
N ALA A 144 4.89 1.23 9.92
CA ALA A 144 5.65 0.05 9.53
C ALA A 144 4.84 -1.26 9.52
N CYS A 145 5.41 -2.29 8.91
CA CYS A 145 4.77 -3.60 8.83
C CYS A 145 4.47 -4.10 10.24
N GLY A 146 3.34 -4.79 10.39
CA GLY A 146 2.97 -5.28 11.69
C GLY A 146 1.90 -4.38 12.28
N SER A 147 1.79 -3.14 11.79
CA SER A 147 0.77 -2.21 12.28
C SER A 147 -0.60 -2.86 12.10
N VAL A 148 -1.42 -2.77 13.13
CA VAL A 148 -2.74 -3.39 13.10
C VAL A 148 -3.92 -2.50 12.81
N GLY A 149 -4.96 -3.13 12.28
CA GLY A 149 -6.21 -2.47 11.97
C GLY A 149 -7.21 -3.02 12.96
N PHE A 150 -8.05 -2.17 13.53
CA PHE A 150 -9.00 -2.62 14.55
C PHE A 150 -10.08 -1.60 14.79
N ASN A 151 -10.98 -1.96 15.69
CA ASN A 151 -12.05 -1.08 16.13
C ASN A 151 -12.50 -1.63 17.48
N ILE A 152 -13.49 -0.98 18.09
CA ILE A 152 -14.01 -1.42 19.37
C ILE A 152 -15.51 -1.52 19.24
N GLU A 153 -16.08 -2.64 19.64
CA GLU A 153 -17.52 -2.85 19.57
C GLU A 153 -18.05 -3.51 20.84
N LYS A 154 -18.93 -2.79 21.54
CA LYS A 154 -19.53 -3.28 22.77
C LYS A 154 -18.48 -3.76 23.77
N GLY A 155 -17.45 -2.94 23.98
CA GLY A 155 -16.41 -3.27 24.92
C GLY A 155 -15.34 -4.26 24.47
N VAL A 156 -15.42 -4.75 23.24
CA VAL A 156 -14.43 -5.70 22.74
C VAL A 156 -13.56 -5.14 21.61
N VAL A 157 -12.26 -5.37 21.68
CA VAL A 157 -11.37 -4.90 20.63
C VAL A 157 -11.37 -5.91 19.50
N ASN A 158 -11.72 -5.46 18.30
CA ASN A 158 -11.73 -6.33 17.15
C ASN A 158 -10.50 -6.06 16.30
N PHE A 159 -9.68 -7.09 16.12
CA PHE A 159 -8.47 -6.97 15.31
C PHE A 159 -8.79 -7.58 13.95
N PHE A 160 -8.75 -6.77 12.89
CA PHE A 160 -9.06 -7.25 11.55
C PHE A 160 -7.85 -7.41 10.66
N TYR A 161 -6.88 -6.52 10.82
CA TYR A 161 -5.78 -6.50 9.88
C TYR A 161 -4.39 -6.26 10.44
N MET A 162 -3.39 -6.56 9.61
CA MET A 162 -1.98 -6.35 9.96
C MET A 162 -1.23 -6.06 8.67
N HIS A 163 -0.46 -4.96 8.64
CA HIS A 163 0.33 -4.56 7.47
C HIS A 163 1.36 -5.64 7.10
N HIS A 164 1.43 -5.98 5.82
CA HIS A 164 2.42 -6.96 5.34
C HIS A 164 3.21 -6.38 4.17
N LEU A 165 2.50 -5.79 3.22
CA LEU A 165 3.20 -5.25 2.06
C LEU A 165 2.63 -3.95 1.53
N GLU A 166 3.53 -3.15 0.96
CA GLU A 166 3.18 -1.86 0.38
C GLU A 166 3.08 -1.95 -1.15
N LEU A 167 2.12 -1.21 -1.70
CA LEU A 167 1.90 -1.10 -3.12
C LEU A 167 2.00 0.39 -3.45
N PRO A 168 2.05 0.77 -4.73
CA PRO A 168 2.14 2.21 -5.00
C PRO A 168 0.83 2.93 -4.67
N ASN A 169 0.90 4.25 -4.56
CA ASN A 169 -0.29 5.08 -4.31
C ASN A 169 -0.86 4.86 -2.90
N ALA A 170 0.02 4.56 -1.95
CA ALA A 170 -0.39 4.31 -0.57
C ALA A 170 -1.27 3.06 -0.37
N LEU A 171 -1.33 2.19 -1.36
CA LEU A 171 -2.12 0.98 -1.17
C LEU A 171 -1.32 -0.02 -0.35
N HIS A 172 -2.02 -0.77 0.49
CA HIS A 172 -1.36 -1.79 1.31
C HIS A 172 -2.30 -2.96 1.42
N THR A 173 -1.77 -4.08 1.88
CA THR A 173 -2.59 -5.25 2.11
C THR A 173 -1.86 -6.10 3.13
N GLY A 174 -2.55 -7.08 3.66
CA GLY A 174 -1.93 -7.89 4.64
C GLY A 174 -2.87 -8.98 4.98
N THR A 175 -2.79 -9.37 6.22
CA THR A 175 -3.58 -10.46 6.62
C THR A 175 -4.48 -10.08 7.73
N ASP A 176 -5.31 -11.06 8.12
CA ASP A 176 -6.15 -10.95 9.28
C ASP A 176 -5.25 -11.48 10.40
N LEU A 177 -5.76 -11.59 11.63
CA LEU A 177 -4.89 -12.09 12.68
C LEU A 177 -4.80 -13.62 12.75
N MET A 178 -5.39 -14.28 11.77
CA MET A 178 -5.35 -15.74 11.71
C MET A 178 -4.24 -16.12 10.71
N GLY A 179 -3.68 -15.10 10.04
CA GLY A 179 -2.62 -15.33 9.08
C GLY A 179 -3.04 -15.42 7.62
N GLU A 180 -4.34 -15.30 7.35
CA GLU A 180 -4.83 -15.40 5.99
C GLU A 180 -4.78 -14.04 5.29
N PHE A 181 -4.19 -14.00 4.10
CA PHE A 181 -4.08 -12.77 3.32
C PHE A 181 -5.43 -12.33 2.78
N TYR A 182 -5.59 -11.02 2.63
CA TYR A 182 -6.80 -10.48 2.05
C TYR A 182 -6.47 -10.48 0.56
N GLY A 183 -7.50 -10.54 -0.28
CA GLY A 183 -7.28 -10.54 -1.72
C GLY A 183 -6.34 -11.58 -2.31
N GLY A 184 -6.08 -12.65 -1.59
CA GLY A 184 -5.20 -13.68 -2.11
C GLY A 184 -3.77 -13.31 -2.41
N TYR A 185 -3.31 -12.15 -1.97
CA TYR A 185 -1.94 -11.76 -2.22
C TYR A 185 -1.03 -12.64 -1.38
N VAL A 186 0.27 -12.56 -1.60
CA VAL A 186 1.23 -13.35 -0.83
C VAL A 186 2.38 -12.43 -0.43
N ASP A 187 3.10 -12.81 0.61
CA ASP A 187 4.21 -12.00 1.08
C ASP A 187 5.49 -12.20 0.30
N GLU A 188 5.44 -11.91 -1.00
CA GLU A 188 6.61 -12.02 -1.86
C GLU A 188 6.77 -10.78 -2.72
N GLU A 189 7.98 -10.22 -2.76
CA GLU A 189 8.22 -9.05 -3.60
C GLU A 189 8.32 -9.60 -5.02
N VAL A 190 7.15 -9.93 -5.56
CA VAL A 190 6.99 -10.48 -6.89
C VAL A 190 5.79 -9.84 -7.53
N ALA A 191 5.68 -9.92 -8.85
CA ALA A 191 4.55 -9.34 -9.54
C ALA A 191 3.29 -10.08 -9.10
N GLN A 192 2.24 -9.34 -8.80
CA GLN A 192 0.97 -9.92 -8.36
C GLN A 192 -0.15 -9.09 -8.96
N ARG A 193 -1.25 -9.75 -9.29
CA ARG A 193 -2.38 -9.06 -9.90
C ARG A 193 -3.17 -8.25 -8.87
N VAL A 194 -3.43 -6.99 -9.18
CA VAL A 194 -4.19 -6.13 -8.29
C VAL A 194 -5.53 -5.77 -8.90
N PRO A 195 -6.57 -6.58 -8.65
CA PRO A 195 -7.92 -6.39 -9.15
C PRO A 195 -8.52 -5.00 -8.93
N PRO A 196 -9.65 -4.70 -9.62
CA PRO A 196 -10.32 -3.40 -9.50
C PRO A 196 -10.78 -2.93 -8.12
N ASP A 197 -10.70 -1.63 -7.87
CA ASP A 197 -11.12 -1.04 -6.61
C ASP A 197 -12.48 -0.38 -6.81
N ASN A 198 -13.55 -1.14 -6.57
CA ASN A 198 -14.90 -0.63 -6.75
C ASN A 198 -15.40 0.26 -5.62
N LEU A 199 -16.31 1.17 -5.95
CA LEU A 199 -16.92 2.05 -4.97
C LEU A 199 -17.86 1.18 -4.14
N VAL A 200 -17.90 1.43 -2.82
CA VAL A 200 -18.75 0.63 -1.94
C VAL A 200 -20.19 1.14 -1.86
N THR A 201 -21.09 0.42 -2.54
CA THR A 201 -22.51 0.75 -2.57
C THR A 201 -23.13 0.99 -1.19
N ASN A 202 -23.06 -0.04 -0.36
CA ASN A 202 -23.60 -0.02 0.99
C ASN A 202 -23.17 1.21 1.80
N ASN A 203 -21.93 1.64 1.61
CA ASN A 203 -21.45 2.81 2.32
C ASN A 203 -22.02 4.08 1.71
N ILE A 204 -22.14 4.09 0.38
CA ILE A 204 -22.70 5.24 -0.32
C ILE A 204 -24.11 5.43 0.20
N VAL A 205 -24.86 4.33 0.26
CA VAL A 205 -26.23 4.36 0.73
C VAL A 205 -26.38 5.02 2.10
N ALA A 206 -25.49 4.67 3.02
CA ALA A 206 -25.51 5.22 4.37
C ALA A 206 -25.19 6.70 4.35
N TRP A 207 -24.30 7.08 3.42
CA TRP A 207 -23.90 8.46 3.26
C TRP A 207 -25.09 9.29 2.79
N LEU A 208 -25.89 8.73 1.89
CA LEU A 208 -27.07 9.42 1.38
C LEU A 208 -28.06 9.69 2.49
N TYR A 209 -28.33 8.66 3.30
CA TYR A 209 -29.25 8.79 4.42
C TYR A 209 -28.76 9.90 5.35
N ALA A 210 -27.46 9.96 5.53
CA ALA A 210 -26.86 10.97 6.38
C ALA A 210 -27.19 12.33 5.81
N ALA A 211 -27.33 12.38 4.48
CA ALA A 211 -27.64 13.61 3.79
C ALA A 211 -29.11 13.96 4.03
N ILE A 212 -29.99 13.01 3.76
CA ILE A 212 -31.42 13.20 3.96
C ILE A 212 -31.65 13.76 5.36
N ILE A 213 -30.99 13.14 6.33
CA ILE A 213 -31.10 13.51 7.73
C ILE A 213 -30.42 14.85 8.03
N SER A 214 -29.40 15.19 7.26
CA SER A 214 -28.68 16.44 7.45
C SER A 214 -29.59 17.65 7.21
N VAL A 215 -30.66 17.42 6.45
CA VAL A 215 -31.61 18.48 6.12
C VAL A 215 -32.38 18.92 7.36
N SER A 221 -39.23 17.33 4.14
CA SER A 221 -39.18 17.57 2.71
C SER A 221 -38.30 16.55 2.07
N GLN A 222 -38.36 16.50 0.75
CA GLN A 222 -37.58 15.57 -0.04
C GLN A 222 -36.70 16.48 -0.90
N PRO A 223 -35.41 16.22 -0.77
CA PRO A 223 -34.28 16.94 -1.36
C PRO A 223 -34.25 17.14 -2.88
N LYS A 224 -33.57 18.20 -3.27
CA LYS A 224 -33.39 18.52 -4.65
C LYS A 224 -32.72 17.49 -5.55
N TRP A 225 -31.99 16.54 -5.00
CA TRP A 225 -31.57 15.40 -5.79
C TRP A 225 -32.03 14.03 -5.47
N LEU A 226 -32.55 13.84 -4.29
CA LEU A 226 -33.24 12.63 -4.03
C LEU A 226 -34.10 12.35 -5.22
N GLU A 227 -33.98 11.17 -5.79
CA GLU A 227 -34.75 10.79 -6.96
C GLU A 227 -35.98 10.00 -6.60
N SER A 228 -37.13 10.36 -7.18
CA SER A 228 -38.42 9.82 -6.77
C SER A 228 -38.81 8.47 -7.35
N THR A 229 -37.93 7.88 -8.14
CA THR A 229 -38.19 6.67 -8.91
C THR A 229 -37.51 5.53 -8.16
N THR A 230 -37.83 4.28 -8.48
CA THR A 230 -37.22 3.16 -7.78
C THR A 230 -36.57 2.13 -8.69
N VAL A 231 -35.55 1.47 -8.17
CA VAL A 231 -34.81 0.44 -8.89
C VAL A 231 -34.88 -0.87 -8.12
N SER A 232 -34.75 -1.98 -8.82
CA SER A 232 -34.78 -3.29 -8.18
C SER A 232 -33.38 -3.53 -7.61
N ILE A 233 -33.30 -4.37 -6.58
CA ILE A 233 -32.01 -4.67 -5.98
C ILE A 233 -31.14 -5.47 -6.95
N GLU A 234 -31.70 -6.53 -7.52
CA GLU A 234 -30.98 -7.37 -8.48
C GLU A 234 -30.75 -6.57 -9.77
N ASP A 235 -31.58 -5.55 -9.97
CA ASP A 235 -31.48 -4.70 -11.15
C ASP A 235 -30.28 -3.79 -10.97
N TYR A 236 -30.13 -3.24 -9.77
CA TYR A 236 -29.01 -2.35 -9.47
C TYR A 236 -27.70 -3.11 -9.50
N ASN A 237 -27.65 -4.26 -8.84
CA ASN A 237 -26.44 -5.06 -8.82
C ASN A 237 -26.09 -5.46 -10.25
N ARG A 238 -27.10 -5.48 -11.11
CA ARG A 238 -26.92 -5.83 -12.51
C ARG A 238 -26.00 -4.75 -13.11
N TRP A 239 -26.43 -3.51 -12.93
CA TRP A 239 -25.71 -2.33 -13.42
C TRP A 239 -24.44 -2.06 -12.62
N ALA A 240 -24.31 -2.72 -11.47
CA ALA A 240 -23.15 -2.53 -10.62
C ALA A 240 -21.87 -3.21 -11.12
N SER A 241 -21.96 -4.51 -11.40
CA SER A 241 -20.82 -5.30 -11.86
C SER A 241 -20.12 -4.83 -13.13
N ASP A 242 -20.65 -3.79 -13.78
CA ASP A 242 -20.02 -3.27 -15.00
C ASP A 242 -19.95 -1.74 -15.03
N ASN A 243 -19.72 -1.14 -13.87
CA ASN A 243 -19.61 0.31 -13.76
C ASN A 243 -18.64 0.68 -12.65
N GLY A 244 -17.99 -0.32 -12.07
CA GLY A 244 -17.04 -0.10 -11.01
C GLY A 244 -17.69 0.08 -9.64
N PHE A 245 -18.76 -0.65 -9.40
CA PHE A 245 -19.49 -0.57 -8.13
C PHE A 245 -19.59 -1.91 -7.42
N THR A 246 -19.86 -1.96 -6.10
CA THR A 246 -19.98 -3.13 -5.25
C THR A 246 -21.42 -3.63 -5.26
N PRO A 247 -21.63 -4.82 -5.08
CA PRO A 247 -23.00 -5.35 -5.10
C PRO A 247 -23.71 -4.97 -3.80
N PHE A 248 -24.91 -4.38 -3.87
CA PHE A 248 -25.59 -4.01 -2.63
C PHE A 248 -26.08 -5.21 -1.78
N SER A 249 -25.90 -5.13 -0.47
CA SER A 249 -26.36 -6.16 0.44
C SER A 249 -26.86 -5.47 1.71
N THR A 250 -28.18 -5.37 1.83
CA THR A 250 -28.82 -4.73 2.98
C THR A 250 -28.43 -5.38 4.30
N SER A 251 -28.35 -4.55 5.34
CA SER A 251 -27.98 -5.00 6.68
C SER A 251 -28.93 -4.40 7.72
N THR A 252 -28.69 -4.69 8.99
CA THR A 252 -29.53 -4.17 10.05
C THR A 252 -29.42 -2.66 10.14
N ALA A 253 -28.21 -2.14 10.00
CA ALA A 253 -27.98 -0.71 10.08
C ALA A 253 -28.74 0.03 8.97
N ILE A 254 -28.61 -0.46 7.74
CA ILE A 254 -29.31 0.17 6.62
C ILE A 254 -30.80 0.18 6.91
N THR A 255 -31.36 -1.01 7.14
CA THR A 255 -32.78 -1.15 7.43
C THR A 255 -33.26 -0.11 8.43
N LYS A 256 -32.43 0.20 9.42
CA LYS A 256 -32.80 1.18 10.45
C LYS A 256 -32.81 2.64 10.01
N LEU A 257 -31.89 3.02 9.12
CA LEU A 257 -31.83 4.40 8.63
C LEU A 257 -33.00 4.64 7.69
N SER A 258 -33.43 3.57 7.04
CA SER A 258 -34.55 3.63 6.11
C SER A 258 -35.83 3.84 6.91
N ALA A 259 -35.77 3.50 8.19
CA ALA A 259 -36.92 3.65 9.08
C ALA A 259 -36.90 5.04 9.72
N ILE A 260 -35.70 5.61 9.89
CA ILE A 260 -35.56 6.93 10.47
C ILE A 260 -36.01 7.99 9.48
N THR A 261 -35.96 7.63 8.20
CA THR A 261 -36.39 8.52 7.13
C THR A 261 -37.44 7.75 6.39
N GLY A 262 -38.40 8.32 5.77
CA GLY A 262 -39.28 7.32 5.18
C GLY A 262 -38.57 6.67 3.98
N VAL A 263 -37.67 7.49 3.38
CA VAL A 263 -36.91 7.15 2.16
C VAL A 263 -36.57 5.67 2.01
N ASP A 264 -36.95 5.09 0.87
CA ASP A 264 -36.68 3.69 0.59
C ASP A 264 -35.22 3.53 0.19
N VAL A 265 -34.73 2.30 0.24
CA VAL A 265 -33.34 2.02 -0.12
C VAL A 265 -33.19 2.04 -1.64
N CYS A 266 -34.25 1.62 -2.33
CA CYS A 266 -34.23 1.58 -3.78
C CYS A 266 -34.25 2.96 -4.42
N LYS A 267 -34.78 3.96 -3.71
CA LYS A 267 -34.79 5.30 -4.25
C LYS A 267 -33.37 5.84 -4.18
N LEU A 268 -32.60 5.32 -3.23
CA LEU A 268 -31.20 5.74 -3.08
C LEU A 268 -30.37 5.04 -4.15
N LEU A 269 -30.66 3.77 -4.38
CA LEU A 269 -29.93 3.01 -5.40
C LEU A 269 -30.13 3.71 -6.75
N ARG A 270 -31.28 4.33 -6.91
CA ARG A 270 -31.63 5.06 -8.13
C ARG A 270 -30.75 6.30 -8.22
N THR A 271 -30.78 7.10 -7.17
CA THR A 271 -30.01 8.33 -7.10
C THR A 271 -28.54 8.11 -7.41
N ILE A 272 -28.04 6.91 -7.13
CA ILE A 272 -26.65 6.60 -7.40
C ILE A 272 -26.46 6.41 -8.90
N MET A 273 -27.33 5.60 -9.50
CA MET A 273 -27.29 5.35 -10.94
C MET A 273 -27.28 6.67 -11.71
N VAL A 274 -28.23 7.54 -11.36
CA VAL A 274 -28.34 8.85 -12.01
C VAL A 274 -27.05 9.65 -11.86
N LYS A 275 -26.73 10.01 -10.63
CA LYS A 275 -25.53 10.80 -10.33
C LYS A 275 -24.23 10.16 -10.81
N SER A 276 -24.25 8.86 -11.05
CA SER A 276 -23.06 8.15 -11.50
C SER A 276 -22.62 8.46 -12.94
N ALA A 277 -23.55 8.36 -13.87
CA ALA A 277 -23.25 8.62 -15.28
C ALA A 277 -23.20 10.11 -15.57
N GLN A 278 -23.96 10.88 -14.80
CA GLN A 278 -24.01 12.33 -14.95
C GLN A 278 -24.47 12.89 -13.61
N TRP A 279 -23.56 13.51 -12.88
CA TRP A 279 -23.89 14.06 -11.57
C TRP A 279 -24.76 15.31 -11.67
N GLY A 280 -24.24 16.33 -12.33
CA GLY A 280 -24.97 17.58 -12.45
C GLY A 280 -24.32 18.64 -11.59
N SER A 281 -25.09 19.63 -11.14
CA SER A 281 -24.55 20.68 -10.30
C SER A 281 -25.28 20.81 -8.97
N ASP A 282 -25.90 19.73 -8.54
CA ASP A 282 -26.60 19.71 -7.26
C ASP A 282 -25.74 18.94 -6.27
N PRO A 283 -25.05 19.65 -5.36
CA PRO A 283 -24.19 19.04 -4.36
C PRO A 283 -24.89 18.22 -3.28
N ILE A 284 -24.20 17.18 -2.81
CA ILE A 284 -24.70 16.32 -1.75
C ILE A 284 -23.70 16.47 -0.62
N LEU A 285 -24.14 17.11 0.46
CA LEU A 285 -23.27 17.35 1.60
C LEU A 285 -22.08 18.17 1.13
N GLY A 286 -22.38 19.21 0.36
CA GLY A 286 -21.35 20.08 -0.18
C GLY A 286 -20.37 19.36 -1.07
N GLN A 287 -20.73 18.14 -1.48
CA GLN A 287 -19.86 17.33 -2.32
C GLN A 287 -20.45 17.01 -3.67
N TYR A 288 -19.57 16.82 -4.65
CA TYR A 288 -20.02 16.48 -6.00
C TYR A 288 -19.52 15.11 -6.42
N ASN A 289 -19.09 14.33 -5.43
CA ASN A 289 -18.60 12.97 -5.66
C ASN A 289 -19.05 12.11 -4.49
N PHE A 290 -19.04 10.79 -4.68
CA PHE A 290 -19.46 9.88 -3.63
C PHE A 290 -18.46 9.63 -2.51
N GLU A 291 -18.98 9.52 -1.29
CA GLU A 291 -18.16 9.23 -0.11
C GLU A 291 -18.54 7.77 0.15
N ASP A 292 -17.58 6.86 0.01
CA ASP A 292 -17.87 5.45 0.21
C ASP A 292 -17.19 4.84 1.43
N GLU A 293 -16.72 5.69 2.34
CA GLU A 293 -16.06 5.18 3.53
C GLU A 293 -16.77 5.51 4.83
N LEU A 294 -18.02 5.95 4.72
CA LEU A 294 -18.80 6.23 5.90
C LEU A 294 -19.82 5.10 5.94
N THR A 295 -19.54 4.10 6.76
CA THR A 295 -20.37 2.91 6.88
C THR A 295 -21.77 3.16 7.44
N PRO A 296 -22.70 2.24 7.18
CA PRO A 296 -24.08 2.39 7.68
C PRO A 296 -24.14 2.36 9.20
N GLU A 297 -23.35 1.50 9.83
CA GLU A 297 -23.32 1.43 11.29
C GLU A 297 -22.82 2.76 11.86
N SER A 298 -21.82 3.34 11.21
CA SER A 298 -21.26 4.61 11.67
C SER A 298 -22.25 5.76 11.59
N VAL A 299 -23.08 5.75 10.56
CA VAL A 299 -24.08 6.80 10.39
C VAL A 299 -25.18 6.64 11.44
N PHE A 300 -25.71 5.42 11.57
CA PHE A 300 -26.75 5.14 12.55
C PHE A 300 -26.26 5.55 13.95
N ASN A 301 -25.02 5.19 14.26
CA ASN A 301 -24.42 5.51 15.55
C ASN A 301 -24.26 7.00 15.80
N GLN A 302 -24.26 7.79 14.73
CA GLN A 302 -24.09 9.24 14.89
C GLN A 302 -25.38 10.04 14.88
N VAL A 303 -26.51 9.34 14.96
CA VAL A 303 -27.80 10.01 14.97
C VAL A 303 -28.45 9.97 16.36
N SER B 2 -9.08 8.74 -4.18
CA SER B 2 -8.62 8.98 -2.78
C SER B 2 -7.11 9.03 -2.74
N SER B 3 -6.60 9.79 -1.78
CA SER B 3 -5.18 9.97 -1.63
C SER B 3 -4.56 9.19 -0.47
N GLY B 4 -3.24 9.26 -0.42
CA GLY B 4 -2.50 8.62 0.63
C GLY B 4 -2.30 9.69 1.70
N PHE B 5 -2.88 10.87 1.47
CA PHE B 5 -2.80 11.97 2.43
C PHE B 5 -4.07 11.98 3.27
N LYS B 6 -3.91 11.52 4.50
CA LYS B 6 -4.99 11.40 5.45
C LYS B 6 -5.02 12.50 6.50
N LYS B 7 -6.19 12.67 7.10
CA LYS B 7 -6.35 13.62 8.18
C LYS B 7 -6.01 12.75 9.40
N LEU B 8 -4.76 12.76 9.81
CA LEU B 8 -4.35 11.95 10.94
C LEU B 8 -4.90 12.43 12.28
N VAL B 9 -5.15 11.47 13.16
CA VAL B 9 -5.66 11.70 14.50
C VAL B 9 -4.55 11.33 15.46
N SER B 10 -4.47 12.00 16.60
CA SER B 10 -3.43 11.67 17.59
C SER B 10 -3.86 10.43 18.36
N PRO B 11 -2.89 9.63 18.82
CA PRO B 11 -3.23 8.44 19.60
C PRO B 11 -3.81 8.94 20.92
N SER B 12 -4.80 8.24 21.47
CA SER B 12 -5.47 8.69 22.69
C SER B 12 -5.06 8.11 24.04
N SER B 13 -4.01 7.30 24.09
CA SER B 13 -3.59 6.71 25.35
C SER B 13 -3.47 7.67 26.54
N ALA B 14 -2.72 8.74 26.36
CA ALA B 14 -2.51 9.71 27.44
C ALA B 14 -3.72 10.57 27.79
N VAL B 15 -4.72 10.63 26.92
CA VAL B 15 -5.89 11.45 27.21
C VAL B 15 -6.97 10.65 27.90
N GLU B 16 -7.18 9.41 27.45
CA GLU B 16 -8.20 8.55 28.03
C GLU B 16 -8.05 8.40 29.54
N LYS B 17 -6.82 8.36 30.01
CA LYS B 17 -6.52 8.24 31.43
C LYS B 17 -7.01 9.47 32.22
N CYS B 18 -7.27 10.56 31.51
CA CYS B 18 -7.68 11.82 32.13
C CYS B 18 -9.17 12.17 32.07
N ILE B 19 -9.93 11.41 31.32
CA ILE B 19 -11.35 11.69 31.18
C ILE B 19 -12.22 11.03 32.24
N VAL B 20 -13.06 11.84 32.86
CA VAL B 20 -13.95 11.35 33.90
C VAL B 20 -15.31 11.96 33.68
N SER B 21 -16.32 11.42 34.35
CA SER B 21 -17.66 11.97 34.24
C SER B 21 -17.90 12.86 35.45
N VAL B 22 -18.61 13.95 35.23
CA VAL B 22 -18.93 14.90 36.30
C VAL B 22 -20.43 15.03 36.30
N SER B 23 -21.04 14.78 37.45
CA SER B 23 -22.47 14.84 37.61
C SER B 23 -22.85 15.80 38.73
N TYR B 24 -23.90 16.59 38.49
CA TYR B 24 -24.37 17.58 39.47
C TYR B 24 -25.88 17.75 39.34
N ARG B 25 -26.61 17.31 40.35
CA ARG B 25 -28.06 17.41 40.40
C ARG B 25 -28.76 17.01 39.09
N GLY B 26 -28.53 15.77 38.66
CA GLY B 26 -29.16 15.27 37.45
C GLY B 26 -28.49 15.64 36.15
N ASN B 27 -27.50 16.53 36.21
CA ASN B 27 -26.77 16.94 35.02
C ASN B 27 -25.52 16.08 34.91
N ASN B 28 -25.20 15.66 33.69
CA ASN B 28 -24.04 14.80 33.47
C ASN B 28 -23.25 15.19 32.23
N LEU B 29 -21.94 15.18 32.35
CA LEU B 29 -21.07 15.48 31.23
C LEU B 29 -19.67 15.00 31.51
N ASN B 30 -18.74 15.35 30.64
CA ASN B 30 -17.36 14.93 30.79
C ASN B 30 -16.46 15.98 31.37
N GLY B 31 -15.45 15.54 32.11
CA GLY B 31 -14.51 16.44 32.70
C GLY B 31 -13.11 15.97 32.37
N LEU B 32 -12.13 16.86 32.48
CA LEU B 32 -10.73 16.55 32.20
C LEU B 32 -9.94 16.62 33.50
N TRP B 33 -9.38 15.47 33.92
CA TRP B 33 -8.63 15.36 35.17
C TRP B 33 -7.11 15.38 35.02
N LEU B 34 -6.49 16.46 35.49
CA LEU B 34 -5.03 16.66 35.42
C LEU B 34 -4.58 17.17 36.78
N GLY B 35 -3.61 16.50 37.39
CA GLY B 35 -3.14 16.88 38.71
C GLY B 35 -4.29 16.71 39.69
N ASP B 36 -4.60 17.75 40.47
CA ASP B 36 -5.72 17.66 41.39
C ASP B 36 -6.84 18.59 40.93
N SER B 37 -6.96 18.75 39.62
CA SER B 37 -7.97 19.61 39.04
C SER B 37 -8.80 18.90 37.97
N ILE B 38 -10.11 19.14 38.01
CA ILE B 38 -11.04 18.57 37.06
C ILE B 38 -11.61 19.76 36.31
N TYR B 39 -11.49 19.76 34.99
CA TYR B 39 -12.02 20.86 34.15
C TYR B 39 -13.26 20.37 33.45
N CYS B 40 -14.34 21.13 33.52
CA CYS B 40 -15.58 20.75 32.86
C CYS B 40 -16.40 21.99 32.51
N PRO B 41 -17.41 21.82 31.65
CA PRO B 41 -18.19 23.03 31.33
C PRO B 41 -19.05 23.44 32.52
N ARG B 42 -19.11 24.73 32.80
CA ARG B 42 -19.89 25.21 33.94
C ARG B 42 -21.37 24.90 33.85
N HIS B 43 -21.92 24.74 32.64
CA HIS B 43 -23.35 24.49 32.59
C HIS B 43 -23.73 23.16 33.21
N VAL B 44 -22.76 22.44 33.76
CA VAL B 44 -23.10 21.19 34.43
C VAL B 44 -23.88 21.62 35.67
N LEU B 45 -23.77 22.90 36.00
CA LEU B 45 -24.46 23.47 37.16
C LEU B 45 -25.94 23.64 36.90
N GLY B 46 -26.31 23.75 35.63
CA GLY B 46 -27.72 23.93 35.27
C GLY B 46 -27.85 25.00 34.20
N LYS B 47 -29.06 25.17 33.66
CA LYS B 47 -29.33 26.15 32.61
C LYS B 47 -29.33 27.58 33.12
N PHE B 48 -28.16 28.17 33.30
CA PHE B 48 -28.12 29.53 33.78
C PHE B 48 -27.60 30.48 32.73
N SER B 49 -27.31 31.72 33.11
CA SER B 49 -26.83 32.68 32.16
C SER B 49 -26.36 33.96 32.80
N GLY B 50 -25.92 34.88 31.96
CA GLY B 50 -25.46 36.17 32.43
C GLY B 50 -24.49 36.09 33.58
N ASP B 51 -24.82 36.80 34.66
CA ASP B 51 -23.97 36.85 35.84
C ASP B 51 -24.44 35.91 36.93
N GLN B 52 -25.30 34.98 36.57
CA GLN B 52 -25.82 34.05 37.55
C GLN B 52 -24.81 33.02 38.07
N TRP B 53 -23.88 32.59 37.21
CA TRP B 53 -22.90 31.56 37.58
C TRP B 53 -22.22 31.67 38.94
N GLY B 54 -21.55 32.79 39.19
CA GLY B 54 -20.90 32.95 40.48
C GLY B 54 -21.83 32.73 41.66
N ASP B 55 -23.07 33.22 41.56
CA ASP B 55 -24.03 33.07 42.64
C ASP B 55 -24.44 31.62 42.77
N VAL B 56 -24.59 30.96 41.63
CA VAL B 56 -24.99 29.57 41.65
C VAL B 56 -23.88 28.77 42.30
N LEU B 57 -22.62 29.07 41.93
CA LEU B 57 -21.49 28.32 42.47
C LEU B 57 -21.39 28.49 43.97
N ASN B 58 -21.58 29.71 44.46
CA ASN B 58 -21.48 29.92 45.88
C ASN B 58 -22.50 29.04 46.59
N LEU B 59 -23.73 29.02 46.09
CA LEU B 59 -24.76 28.20 46.71
C LEU B 59 -24.54 26.68 46.56
N ALA B 60 -23.87 26.28 45.49
CA ALA B 60 -23.59 24.86 45.25
C ALA B 60 -22.60 24.36 46.31
N ASN B 61 -22.62 23.06 46.58
CA ASN B 61 -21.71 22.51 47.58
C ASN B 61 -20.79 21.43 47.01
N ASN B 62 -19.51 21.47 47.41
CA ASN B 62 -18.50 20.53 46.95
C ASN B 62 -18.93 19.08 46.87
N HIS B 63 -19.57 18.59 47.92
CA HIS B 63 -19.99 17.20 47.96
C HIS B 63 -21.10 16.86 46.98
N GLU B 64 -21.72 17.87 46.37
CA GLU B 64 -22.80 17.62 45.41
C GLU B 64 -22.26 17.28 44.02
N PHE B 65 -20.95 17.41 43.84
CA PHE B 65 -20.33 17.11 42.56
C PHE B 65 -19.85 15.66 42.53
N GLU B 66 -20.54 14.82 41.80
CA GLU B 66 -20.17 13.42 41.69
C GLU B 66 -19.19 13.21 40.54
N VAL B 67 -17.97 12.82 40.87
CA VAL B 67 -16.95 12.59 39.86
C VAL B 67 -16.51 11.14 39.97
N VAL B 68 -16.56 10.44 38.86
CA VAL B 68 -16.20 9.03 38.83
C VAL B 68 -15.24 8.75 37.68
N THR B 69 -14.17 8.03 37.98
CA THR B 69 -13.21 7.71 36.95
C THR B 69 -13.80 6.55 36.13
N GLN B 70 -13.13 6.18 35.06
CA GLN B 70 -13.61 5.07 34.24
C GLN B 70 -13.46 3.73 34.96
N ASN B 71 -12.51 3.67 35.90
CA ASN B 71 -12.26 2.46 36.68
C ASN B 71 -13.31 2.30 37.78
N GLY B 72 -14.24 3.25 37.86
CA GLY B 72 -15.29 3.20 38.87
C GLY B 72 -14.97 3.84 40.21
N VAL B 73 -13.89 4.61 40.26
CA VAL B 73 -13.49 5.28 41.48
C VAL B 73 -14.13 6.66 41.63
N THR B 74 -14.80 6.89 42.75
CA THR B 74 -15.40 8.19 43.03
C THR B 74 -14.36 9.14 43.62
N LEU B 75 -14.20 10.31 43.00
CA LEU B 75 -13.24 11.30 43.49
C LEU B 75 -14.00 12.34 44.31
N ASN B 76 -13.41 12.78 45.42
CA ASN B 76 -14.05 13.80 46.25
C ASN B 76 -13.60 15.20 45.84
N VAL B 77 -14.55 16.13 45.78
CA VAL B 77 -14.25 17.50 45.43
C VAL B 77 -14.06 18.32 46.70
N VAL B 78 -12.98 19.08 46.78
CA VAL B 78 -12.68 19.86 47.97
C VAL B 78 -12.61 21.37 47.77
N SER B 79 -12.87 21.82 46.56
CA SER B 79 -12.91 23.25 46.28
C SER B 79 -13.47 23.40 44.86
N ARG B 80 -14.03 24.57 44.56
CA ARG B 80 -14.64 24.84 43.26
C ARG B 80 -14.35 26.28 42.85
N ARG B 81 -14.16 26.50 41.55
CA ARG B 81 -13.91 27.84 41.05
C ARG B 81 -14.27 27.94 39.58
N LEU B 82 -14.37 29.16 39.08
CA LEU B 82 -14.68 29.37 37.67
C LEU B 82 -13.59 30.19 36.98
N LYS B 83 -13.24 29.78 35.77
CA LYS B 83 -12.28 30.48 34.92
C LYS B 83 -13.03 30.58 33.62
N GLY B 84 -13.46 31.79 33.28
CA GLY B 84 -14.23 31.94 32.07
C GLY B 84 -15.42 31.03 32.25
N ALA B 85 -15.80 30.34 31.19
CA ALA B 85 -16.95 29.44 31.21
C ALA B 85 -16.56 28.03 31.67
N VAL B 86 -15.39 27.90 32.29
CA VAL B 86 -14.94 26.59 32.74
C VAL B 86 -14.92 26.41 34.26
N LEU B 87 -15.56 25.36 34.72
CA LEU B 87 -15.60 25.05 36.14
C LEU B 87 -14.42 24.13 36.44
N ILE B 88 -13.61 24.51 37.43
CA ILE B 88 -12.46 23.73 37.83
C ILE B 88 -12.70 23.22 39.25
N LEU B 89 -12.91 21.91 39.38
CA LEU B 89 -13.17 21.28 40.67
C LEU B 89 -11.85 20.68 41.19
N GLN B 90 -11.52 20.95 42.44
CA GLN B 90 -10.29 20.44 43.01
C GLN B 90 -10.59 19.09 43.65
N THR B 91 -9.75 18.09 43.34
CA THR B 91 -9.92 16.76 43.91
C THR B 91 -9.00 16.58 45.10
N ALA B 92 -9.40 15.72 46.04
CA ALA B 92 -8.61 15.50 47.24
C ALA B 92 -7.25 14.90 46.87
N VAL B 93 -7.27 13.99 45.91
CA VAL B 93 -6.06 13.34 45.46
C VAL B 93 -5.80 13.55 43.97
N ALA B 94 -4.53 13.70 43.64
CA ALA B 94 -4.13 13.92 42.26
C ALA B 94 -4.25 12.70 41.38
N ASN B 95 -4.29 12.95 40.06
CA ASN B 95 -4.34 11.91 39.03
C ASN B 95 -2.88 11.45 38.86
N ALA B 96 -2.57 10.29 39.41
CA ALA B 96 -1.21 9.74 39.34
C ALA B 96 -0.63 9.64 37.93
N GLU B 97 -1.49 9.60 36.92
CA GLU B 97 -1.00 9.52 35.57
C GLU B 97 -1.40 10.68 34.69
N THR B 98 -1.11 11.87 35.18
CA THR B 98 -1.38 13.07 34.40
C THR B 98 -0.21 13.09 33.44
N PRO B 99 -0.45 13.39 32.16
CA PRO B 99 0.67 13.41 31.23
C PRO B 99 1.25 14.81 31.20
N LYS B 100 2.33 14.98 30.45
CA LYS B 100 2.92 16.30 30.29
C LYS B 100 1.90 16.96 29.36
N TYR B 101 1.42 18.14 29.72
CA TYR B 101 0.42 18.79 28.89
C TYR B 101 0.58 20.30 28.81
N LYS B 102 -0.21 20.91 27.96
CA LYS B 102 -0.14 22.34 27.81
C LYS B 102 -1.47 22.83 27.26
N PHE B 103 -1.92 23.97 27.76
CA PHE B 103 -3.16 24.55 27.29
C PHE B 103 -2.73 25.52 26.20
N VAL B 104 -3.24 25.34 24.99
CA VAL B 104 -2.87 26.23 23.91
C VAL B 104 -4.11 26.70 23.21
N LYS B 105 -4.05 27.90 22.66
CA LYS B 105 -5.20 28.44 21.96
C LYS B 105 -5.06 28.11 20.47
N ALA B 106 -6.13 27.58 19.89
CA ALA B 106 -6.11 27.22 18.48
C ALA B 106 -6.41 28.40 17.57
N ASN B 107 -5.73 28.46 16.43
CA ASN B 107 -5.96 29.52 15.46
C ASN B 107 -6.88 28.97 14.37
N CYS B 108 -7.15 29.79 13.35
CA CYS B 108 -8.00 29.35 12.26
C CYS B 108 -7.17 28.40 11.42
N GLY B 109 -7.76 27.30 11.00
CA GLY B 109 -7.01 26.34 10.18
C GLY B 109 -6.33 25.26 10.98
N ASP B 110 -5.88 25.61 12.18
CA ASP B 110 -5.21 24.66 13.07
C ASP B 110 -6.10 23.44 13.24
N SER B 111 -5.49 22.27 13.08
CA SER B 111 -6.23 21.01 13.23
C SER B 111 -5.79 20.26 14.49
N PHE B 112 -6.73 19.51 15.06
CA PHE B 112 -6.46 18.71 16.24
C PHE B 112 -7.48 17.59 16.39
N THR B 113 -7.25 16.72 17.36
CA THR B 113 -8.12 15.58 17.60
C THR B 113 -9.18 15.75 18.67
N ILE B 114 -10.40 15.32 18.37
CA ILE B 114 -11.50 15.40 19.31
C ILE B 114 -11.70 14.04 19.96
N ALA B 115 -11.76 14.02 21.29
CA ALA B 115 -11.97 12.79 22.04
C ALA B 115 -13.45 12.78 22.37
N CYS B 116 -14.25 12.29 21.45
CA CYS B 116 -15.70 12.22 21.62
C CYS B 116 -16.00 11.33 22.80
N SER B 117 -16.52 11.92 23.87
CA SER B 117 -16.83 11.20 25.10
C SER B 117 -18.25 11.24 25.60
N TYR B 118 -18.66 10.17 26.27
CA TYR B 118 -20.00 10.04 26.86
C TYR B 118 -19.83 9.36 28.21
N GLY B 119 -20.32 10.01 29.26
CA GLY B 119 -20.22 9.46 30.60
C GLY B 119 -18.79 9.27 31.12
N GLY B 120 -17.86 10.09 30.64
CA GLY B 120 -16.49 9.97 31.07
C GLY B 120 -15.64 8.99 30.28
N THR B 121 -16.21 8.34 29.27
CA THR B 121 -15.46 7.39 28.46
C THR B 121 -15.30 7.88 27.02
N VAL B 122 -14.08 7.78 26.51
CA VAL B 122 -13.83 8.19 25.14
C VAL B 122 -14.32 7.06 24.24
N ILE B 123 -15.33 7.33 23.42
CA ILE B 123 -15.87 6.29 22.53
C ILE B 123 -15.38 6.38 21.10
N GLY B 124 -14.73 7.49 20.76
CA GLY B 124 -14.24 7.67 19.41
C GLY B 124 -13.36 8.87 19.23
N LEU B 125 -12.66 8.93 18.11
CA LEU B 125 -11.77 10.05 17.83
C LEU B 125 -12.01 10.51 16.39
N TYR B 126 -11.70 11.77 16.12
CA TYR B 126 -11.84 12.32 14.78
C TYR B 126 -11.23 13.71 14.72
N PRO B 127 -10.65 14.06 13.58
CA PRO B 127 -10.03 15.38 13.41
C PRO B 127 -11.02 16.49 13.09
N VAL B 128 -10.65 17.70 13.44
CA VAL B 128 -11.48 18.86 13.18
C VAL B 128 -10.52 20.01 13.03
N THR B 129 -11.00 21.10 12.44
CA THR B 129 -10.18 22.28 12.27
C THR B 129 -10.94 23.43 12.89
N MET B 130 -10.20 24.37 13.50
CA MET B 130 -10.82 25.53 14.12
C MET B 130 -11.22 26.49 12.98
N ARG B 131 -12.54 26.57 12.71
CA ARG B 131 -13.04 27.43 11.65
C ARG B 131 -12.78 28.90 11.94
N SER B 132 -13.05 29.76 10.97
CA SER B 132 -12.83 31.20 11.10
C SER B 132 -13.82 31.84 12.07
N ASN B 133 -15.03 31.28 12.16
CA ASN B 133 -16.04 31.79 13.04
C ASN B 133 -15.95 31.15 14.43
N GLY B 134 -14.77 30.64 14.77
CA GLY B 134 -14.57 30.02 16.07
C GLY B 134 -15.35 28.75 16.36
N THR B 135 -15.94 28.13 15.34
CA THR B 135 -16.68 26.88 15.57
C THR B 135 -15.87 25.74 14.97
N ILE B 136 -16.43 24.53 15.07
CA ILE B 136 -15.83 23.34 14.50
C ILE B 136 -16.96 22.45 14.03
N ARG B 137 -16.69 21.58 13.07
CA ARG B 137 -17.70 20.67 12.56
C ARG B 137 -17.42 19.32 13.21
N ALA B 138 -18.28 18.92 14.13
CA ALA B 138 -18.09 17.66 14.82
C ALA B 138 -19.30 16.75 14.73
N SER B 139 -19.26 15.68 15.53
CA SER B 139 -20.33 14.70 15.58
C SER B 139 -20.64 14.36 17.04
N PHE B 140 -21.12 15.37 17.78
CA PHE B 140 -21.44 15.19 19.19
C PHE B 140 -22.91 14.83 19.42
N LEU B 141 -23.18 14.18 20.55
CA LEU B 141 -24.54 13.80 20.90
C LEU B 141 -24.77 14.21 22.35
N ALA B 142 -26.03 14.16 22.79
CA ALA B 142 -26.37 14.53 24.16
C ALA B 142 -25.40 13.83 25.11
N GLY B 143 -24.63 14.62 25.86
CA GLY B 143 -23.68 14.05 26.79
C GLY B 143 -22.25 14.21 26.32
N ALA B 144 -22.07 14.57 25.05
CA ALA B 144 -20.73 14.76 24.52
C ALA B 144 -20.05 15.96 25.17
N CYS B 145 -20.85 16.86 25.74
CA CYS B 145 -20.31 18.06 26.39
C CYS B 145 -19.17 17.75 27.34
N GLY B 146 -18.08 18.49 27.20
CA GLY B 146 -16.92 18.28 28.05
C GLY B 146 -15.77 17.62 27.29
N SER B 147 -16.10 17.00 26.15
CA SER B 147 -15.10 16.33 25.31
C SER B 147 -14.00 17.34 24.95
N VAL B 148 -12.76 16.88 24.92
CA VAL B 148 -11.65 17.75 24.63
C VAL B 148 -11.04 17.56 23.25
N GLY B 149 -10.37 18.60 22.77
CA GLY B 149 -9.70 18.59 21.49
C GLY B 149 -8.22 18.67 21.82
N PHE B 150 -7.40 17.86 21.16
CA PHE B 150 -5.98 17.84 21.49
C PHE B 150 -5.10 17.25 20.39
N ASN B 151 -3.80 17.24 20.64
CA ASN B 151 -2.83 16.61 19.76
C ASN B 151 -1.60 16.37 20.60
N ILE B 152 -0.64 15.64 20.05
CA ILE B 152 0.58 15.34 20.78
C ILE B 152 1.76 15.83 19.96
N GLU B 153 2.58 16.68 20.56
CA GLU B 153 3.73 17.22 19.88
C GLU B 153 4.93 17.17 20.81
N LYS B 154 6.00 16.52 20.35
CA LYS B 154 7.22 16.44 21.13
C LYS B 154 6.97 15.91 22.53
N GLY B 155 6.12 14.90 22.62
CA GLY B 155 5.81 14.26 23.90
C GLY B 155 4.95 15.04 24.88
N VAL B 156 4.33 16.12 24.39
CA VAL B 156 3.48 16.95 25.24
C VAL B 156 2.05 16.95 24.72
N VAL B 157 1.08 16.71 25.61
CA VAL B 157 -0.31 16.73 25.21
C VAL B 157 -0.71 18.20 25.12
N ASN B 158 -1.33 18.59 24.01
CA ASN B 158 -1.77 19.97 23.83
C ASN B 158 -3.28 20.00 23.83
N PHE B 159 -3.84 20.65 24.84
CA PHE B 159 -5.29 20.75 24.95
C PHE B 159 -5.68 22.12 24.39
N PHE B 160 -6.49 22.09 23.34
CA PHE B 160 -6.93 23.32 22.67
C PHE B 160 -8.41 23.62 22.89
N TYR B 161 -9.20 22.57 23.02
CA TYR B 161 -10.64 22.75 23.10
C TYR B 161 -11.39 21.85 24.08
N MET B 162 -12.52 22.38 24.52
CA MET B 162 -13.46 21.69 25.39
C MET B 162 -14.83 22.05 24.82
N HIS B 163 -15.58 21.03 24.43
CA HIS B 163 -16.90 21.24 23.86
C HIS B 163 -17.93 21.72 24.87
N HIS B 164 -18.64 22.79 24.51
CA HIS B 164 -19.67 23.37 25.36
C HIS B 164 -21.09 23.23 24.82
N LEU B 165 -21.33 23.54 23.55
CA LEU B 165 -22.69 23.40 23.04
C LEU B 165 -22.81 23.29 21.53
N GLU B 166 -24.00 22.90 21.09
CA GLU B 166 -24.27 22.78 19.65
C GLU B 166 -24.95 24.02 19.15
N LEU B 167 -24.34 24.72 18.20
CA LEU B 167 -24.94 25.92 17.62
C LEU B 167 -25.67 25.21 16.49
N PRO B 168 -26.94 25.55 16.27
CA PRO B 168 -27.81 24.75 15.42
C PRO B 168 -27.04 24.34 14.17
N ASN B 169 -27.47 23.26 13.52
CA ASN B 169 -26.93 22.89 12.22
C ASN B 169 -25.50 22.37 12.14
N ALA B 170 -25.24 21.27 12.83
CA ALA B 170 -24.01 20.51 12.63
C ALA B 170 -22.78 21.32 13.05
N LEU B 171 -23.02 22.43 13.75
CA LEU B 171 -21.96 23.25 14.24
C LEU B 171 -21.84 23.16 15.75
N HIS B 172 -20.65 23.34 16.26
CA HIS B 172 -20.45 23.28 17.70
C HIS B 172 -19.42 24.33 18.13
N THR B 173 -19.50 24.72 19.41
CA THR B 173 -18.58 25.70 19.98
C THR B 173 -18.17 25.25 21.36
N GLY B 174 -17.06 25.81 21.82
CA GLY B 174 -16.54 25.48 23.11
C GLY B 174 -15.46 26.48 23.44
N THR B 175 -14.73 26.21 24.52
CA THR B 175 -13.68 27.11 24.97
C THR B 175 -12.32 26.47 24.83
N ASP B 176 -11.30 27.24 25.21
CA ASP B 176 -9.94 26.74 25.22
C ASP B 176 -9.94 26.25 26.67
N LEU B 177 -8.79 25.88 27.21
CA LEU B 177 -8.83 25.41 28.59
C LEU B 177 -8.62 26.47 29.63
N MET B 178 -8.53 27.72 29.19
CA MET B 178 -8.40 28.85 30.11
C MET B 178 -9.83 29.33 30.39
N GLY B 179 -10.79 28.80 29.63
CA GLY B 179 -12.19 29.17 29.82
C GLY B 179 -12.75 30.17 28.82
N GLU B 180 -11.91 30.65 27.91
CA GLU B 180 -12.33 31.63 26.92
C GLU B 180 -12.98 30.98 25.71
N PHE B 181 -14.25 31.30 25.45
CA PHE B 181 -14.97 30.73 24.30
C PHE B 181 -14.28 31.11 23.01
N TYR B 182 -14.31 30.21 22.02
CA TYR B 182 -13.73 30.50 20.73
C TYR B 182 -14.71 31.44 20.07
N GLY B 183 -14.20 32.58 19.61
CA GLY B 183 -15.04 33.59 18.98
C GLY B 183 -15.55 34.57 20.02
N GLY B 184 -16.67 34.24 20.65
CA GLY B 184 -17.25 35.09 21.65
C GLY B 184 -18.70 34.72 21.81
N TYR B 185 -18.98 33.43 21.68
CA TYR B 185 -20.34 32.90 21.80
C TYR B 185 -20.47 32.59 23.29
N VAL B 186 -21.80 32.53 23.90
CA VAL B 186 -21.95 32.27 25.32
C VAL B 186 -22.55 30.89 25.55
N ASP B 187 -22.26 30.18 26.62
CA ASP B 187 -22.76 28.85 26.95
C ASP B 187 -24.23 28.99 27.31
N GLU B 188 -25.02 29.48 26.36
CA GLU B 188 -26.45 29.67 26.57
C GLU B 188 -27.21 29.16 25.35
N GLU B 189 -28.52 29.07 25.53
CA GLU B 189 -29.45 28.64 24.50
C GLU B 189 -30.21 29.81 23.90
N VAL B 190 -29.50 30.83 23.43
CA VAL B 190 -30.15 32.01 22.88
C VAL B 190 -29.94 32.41 21.42
N ALA B 191 -28.98 33.28 21.15
CA ALA B 191 -28.76 33.76 19.80
C ALA B 191 -27.53 33.05 19.23
N GLN B 192 -27.50 32.99 17.90
CA GLN B 192 -26.50 32.23 17.14
C GLN B 192 -26.05 33.16 16.02
N ARG B 193 -25.37 34.24 16.40
CA ARG B 193 -24.88 35.22 15.45
C ARG B 193 -23.72 34.37 14.94
N VAL B 194 -23.99 33.51 13.97
CA VAL B 194 -22.99 32.61 13.36
C VAL B 194 -22.28 33.45 12.28
N PRO B 195 -21.07 33.96 12.58
CA PRO B 195 -20.19 34.79 11.74
C PRO B 195 -19.74 34.14 10.42
N PRO B 196 -18.82 34.73 9.74
CA PRO B 196 -18.39 34.10 8.47
C PRO B 196 -17.46 32.86 8.54
N ASP B 197 -17.84 31.71 7.93
CA ASP B 197 -16.94 30.55 7.97
C ASP B 197 -16.25 30.50 6.62
N ASN B 198 -15.09 31.14 6.51
CA ASN B 198 -14.34 31.17 5.27
C ASN B 198 -13.61 29.84 5.12
N LEU B 199 -13.29 29.50 3.88
CA LEU B 199 -12.53 28.29 3.62
C LEU B 199 -11.09 28.65 3.90
N VAL B 200 -10.41 27.84 4.69
CA VAL B 200 -9.02 28.11 5.04
C VAL B 200 -8.16 28.00 3.80
N THR B 201 -7.41 29.07 3.50
CA THR B 201 -6.53 29.11 2.34
C THR B 201 -5.29 28.25 2.49
N ASN B 202 -4.59 28.39 3.61
CA ASN B 202 -3.37 27.60 3.82
C ASN B 202 -3.59 26.08 3.78
N ASN B 203 -4.80 25.64 4.05
CA ASN B 203 -5.08 24.20 4.03
C ASN B 203 -5.40 23.75 2.61
N ILE B 204 -5.83 24.71 1.78
CA ILE B 204 -6.13 24.41 0.39
C ILE B 204 -4.77 24.27 -0.29
N VAL B 205 -3.86 25.17 0.05
CA VAL B 205 -2.52 25.16 -0.50
C VAL B 205 -1.87 23.81 -0.23
N ALA B 206 -1.93 23.37 1.03
CA ALA B 206 -1.35 22.09 1.41
C ALA B 206 -2.02 20.96 0.63
N TRP B 207 -3.34 21.01 0.55
CA TRP B 207 -4.10 20.00 -0.17
C TRP B 207 -3.77 19.95 -1.66
N LEU B 208 -3.47 21.11 -2.25
CA LEU B 208 -3.12 21.16 -3.66
C LEU B 208 -1.71 20.61 -3.83
N TYR B 209 -0.87 20.85 -2.84
CA TYR B 209 0.49 20.32 -2.89
C TYR B 209 0.43 18.81 -2.73
N ALA B 210 -0.63 18.32 -2.09
CA ALA B 210 -0.79 16.89 -1.90
C ALA B 210 -1.19 16.25 -3.22
N ALA B 211 -2.19 16.83 -3.89
CA ALA B 211 -2.68 16.31 -5.15
C ALA B 211 -1.56 16.23 -6.18
N ILE B 212 -0.74 17.28 -6.21
CA ILE B 212 0.39 17.36 -7.13
C ILE B 212 1.37 16.21 -6.85
N ILE B 213 1.71 16.03 -5.58
CA ILE B 213 2.64 14.99 -5.18
C ILE B 213 2.13 13.59 -5.50
N SER B 214 0.87 13.32 -5.14
CA SER B 214 0.32 11.99 -5.40
C SER B 214 0.14 11.72 -6.88
N VAL B 215 -0.05 12.77 -7.68
CA VAL B 215 -0.21 12.62 -9.12
C VAL B 215 1.14 12.33 -9.78
N LYS B 216 2.18 13.00 -9.31
CA LYS B 216 3.52 12.81 -9.86
C LYS B 216 4.03 11.37 -9.70
N GLU B 217 3.55 10.68 -8.69
CA GLU B 217 3.98 9.31 -8.43
C GLU B 217 3.62 8.31 -9.54
N SER B 218 2.64 8.65 -10.38
CA SER B 218 2.24 7.75 -11.45
C SER B 218 2.09 8.42 -12.83
N SER B 219 2.38 9.71 -12.90
CA SER B 219 2.28 10.45 -14.15
C SER B 219 3.54 11.25 -14.40
N PHE B 220 3.64 11.78 -15.61
CA PHE B 220 4.79 12.59 -16.00
C PHE B 220 4.24 14.00 -16.08
N SER B 221 3.07 14.10 -16.71
CA SER B 221 2.38 15.37 -16.89
C SER B 221 1.90 15.92 -15.56
N GLN B 222 1.93 17.24 -15.43
CA GLN B 222 1.45 17.89 -14.22
C GLN B 222 -0.07 17.93 -14.37
N PRO B 223 -0.79 18.11 -13.26
CA PRO B 223 -2.25 18.15 -13.28
C PRO B 223 -2.82 19.17 -14.27
N LYS B 224 -3.93 18.80 -14.90
CA LYS B 224 -4.59 19.66 -15.88
C LYS B 224 -5.30 20.86 -15.25
N TRP B 225 -5.25 20.96 -13.93
CA TRP B 225 -5.90 22.08 -13.23
C TRP B 225 -4.90 23.04 -12.61
N LEU B 226 -3.62 22.69 -12.66
CA LEU B 226 -2.56 23.52 -12.09
C LEU B 226 -2.19 24.70 -13.00
N GLU B 227 -2.63 25.89 -12.64
CA GLU B 227 -2.35 27.09 -13.42
C GLU B 227 -0.85 27.34 -13.61
N SER B 228 -0.52 27.97 -14.74
CA SER B 228 0.87 28.29 -15.07
C SER B 228 1.18 29.71 -14.67
N THR B 229 0.16 30.58 -14.71
CA THR B 229 0.33 31.97 -14.35
C THR B 229 0.15 32.20 -12.85
N THR B 230 1.02 33.02 -12.29
CA THR B 230 0.97 33.31 -10.86
C THR B 230 0.06 34.50 -10.52
N VAL B 231 0.06 34.82 -9.23
CA VAL B 231 -0.70 35.93 -8.66
C VAL B 231 0.11 36.25 -7.42
N SER B 232 -0.06 37.44 -6.85
CA SER B 232 0.72 37.81 -5.68
C SER B 232 0.09 37.48 -4.34
N ILE B 233 0.92 37.19 -3.36
CA ILE B 233 0.43 36.89 -2.01
C ILE B 233 -0.40 38.11 -1.63
N GLU B 234 0.20 39.28 -1.79
CA GLU B 234 -0.43 40.56 -1.49
C GLU B 234 -1.74 40.72 -2.27
N ASP B 235 -1.80 40.15 -3.47
CA ASP B 235 -2.98 40.26 -4.32
C ASP B 235 -4.09 39.26 -4.03
N TYR B 236 -3.72 38.01 -3.76
CA TYR B 236 -4.72 36.99 -3.48
C TYR B 236 -5.63 37.38 -2.32
N ASN B 237 -5.03 37.93 -1.27
CA ASN B 237 -5.78 38.33 -0.09
C ASN B 237 -6.90 39.32 -0.36
N ARG B 238 -6.67 40.26 -1.27
CA ARG B 238 -7.69 41.24 -1.62
C ARG B 238 -8.88 40.50 -2.20
N TRP B 239 -8.61 39.47 -2.99
CA TRP B 239 -9.66 38.67 -3.60
C TRP B 239 -10.33 37.76 -2.57
N ALA B 240 -9.53 37.20 -1.67
CA ALA B 240 -10.02 36.30 -0.64
C ALA B 240 -11.09 36.93 0.25
N SER B 241 -10.76 38.07 0.84
CA SER B 241 -11.69 38.77 1.73
C SER B 241 -13.04 39.08 1.07
N ASP B 242 -13.05 39.21 -0.25
CA ASP B 242 -14.28 39.51 -0.95
C ASP B 242 -15.01 38.27 -1.49
N ASN B 243 -14.44 37.09 -1.28
CA ASN B 243 -15.06 35.87 -1.80
C ASN B 243 -15.26 34.72 -0.80
N GLY B 244 -14.80 34.90 0.42
CA GLY B 244 -14.97 33.85 1.42
C GLY B 244 -13.79 32.91 1.56
N PHE B 245 -12.59 33.49 1.61
CA PHE B 245 -11.36 32.72 1.75
C PHE B 245 -10.49 33.44 2.75
N THR B 246 -9.81 32.68 3.60
CA THR B 246 -8.94 33.27 4.61
C THR B 246 -7.69 33.82 3.95
N PRO B 247 -6.95 34.70 4.65
CA PRO B 247 -5.72 35.28 4.09
C PRO B 247 -4.56 34.30 4.10
N PHE B 248 -3.89 34.18 2.95
CA PHE B 248 -2.75 33.29 2.88
C PHE B 248 -1.65 33.81 3.78
N SER B 249 -0.98 32.90 4.46
CA SER B 249 0.10 33.27 5.36
C SER B 249 1.32 32.37 5.13
N THR B 250 2.51 32.92 5.34
CA THR B 250 3.74 32.17 5.18
C THR B 250 3.76 31.02 6.16
N SER B 251 4.22 29.86 5.71
CA SER B 251 4.29 28.68 6.55
C SER B 251 5.55 27.91 6.18
N THR B 252 6.28 27.44 7.18
CA THR B 252 7.49 26.69 6.93
C THR B 252 7.10 25.41 6.20
N ALA B 253 5.99 24.81 6.63
CA ALA B 253 5.50 23.59 6.01
C ALA B 253 5.20 23.84 4.53
N ILE B 254 4.54 24.96 4.24
CA ILE B 254 4.22 25.33 2.86
C ILE B 254 5.52 25.47 2.07
N THR B 255 6.48 26.14 2.67
CA THR B 255 7.78 26.36 2.06
C THR B 255 8.42 24.99 1.78
N LYS B 256 8.62 24.21 2.84
CA LYS B 256 9.22 22.88 2.76
C LYS B 256 8.85 22.11 1.50
N LEU B 257 7.55 22.06 1.20
CA LEU B 257 7.10 21.31 0.04
C LEU B 257 6.87 22.10 -1.24
N SER B 258 7.26 23.37 -1.24
CA SER B 258 7.16 24.16 -2.46
C SER B 258 8.49 23.82 -3.12
N ALA B 259 9.49 23.71 -2.27
CA ALA B 259 10.85 23.37 -2.68
C ALA B 259 10.97 21.91 -3.09
N ILE B 260 9.98 21.11 -2.70
CA ILE B 260 9.99 19.69 -3.01
C ILE B 260 9.21 19.32 -4.28
N THR B 261 8.10 19.99 -4.53
CA THR B 261 7.33 19.70 -5.72
C THR B 261 7.86 20.51 -6.91
N GLY B 262 8.23 21.75 -6.63
CA GLY B 262 8.75 22.62 -7.66
C GLY B 262 7.78 23.75 -7.87
N VAL B 263 6.50 23.43 -7.74
CA VAL B 263 5.48 24.41 -8.00
C VAL B 263 5.57 25.58 -7.08
N ASP B 264 4.95 26.69 -7.43
CA ASP B 264 5.04 27.78 -6.49
C ASP B 264 3.67 28.13 -5.94
N VAL B 265 3.61 28.47 -4.65
CA VAL B 265 2.35 28.76 -3.97
C VAL B 265 1.43 29.63 -4.80
N CYS B 266 2.00 30.62 -5.48
CA CYS B 266 1.20 31.57 -6.24
C CYS B 266 0.45 30.89 -7.40
N LYS B 267 1.05 29.88 -8.04
CA LYS B 267 0.39 29.20 -9.15
C LYS B 267 -0.77 28.49 -8.54
N LEU B 268 -0.58 28.05 -7.30
CA LEU B 268 -1.66 27.37 -6.58
C LEU B 268 -2.77 28.33 -6.18
N LEU B 269 -2.36 29.51 -5.70
CA LEU B 269 -3.33 30.53 -5.31
C LEU B 269 -4.22 30.91 -6.50
N ARG B 270 -3.60 31.17 -7.65
CA ARG B 270 -4.36 31.53 -8.85
C ARG B 270 -5.31 30.38 -9.17
N THR B 271 -4.89 29.16 -8.85
CA THR B 271 -5.71 27.98 -9.10
C THR B 271 -6.98 28.06 -8.26
N ILE B 272 -6.81 28.51 -7.02
CA ILE B 272 -7.93 28.64 -6.10
C ILE B 272 -8.97 29.60 -6.68
N MET B 273 -8.49 30.76 -7.13
CA MET B 273 -9.34 31.78 -7.73
C MET B 273 -10.10 31.21 -8.92
N VAL B 274 -9.34 30.69 -9.88
CA VAL B 274 -9.90 30.10 -11.08
C VAL B 274 -10.98 29.07 -10.77
N LYS B 275 -10.61 28.02 -10.06
CA LYS B 275 -11.57 26.97 -9.74
C LYS B 275 -12.69 27.40 -8.80
N SER B 276 -12.44 28.41 -7.97
CA SER B 276 -13.49 28.88 -7.06
C SER B 276 -14.57 29.53 -7.93
N ALA B 277 -14.17 30.49 -8.74
CA ALA B 277 -15.09 31.20 -9.63
C ALA B 277 -15.89 30.20 -10.45
N GLN B 278 -15.20 29.17 -10.95
CA GLN B 278 -15.83 28.14 -11.73
C GLN B 278 -14.94 26.91 -11.73
N TRP B 279 -15.48 25.79 -11.25
CA TRP B 279 -14.73 24.54 -11.18
C TRP B 279 -14.93 23.77 -12.49
N GLY B 280 -13.83 23.42 -13.14
CA GLY B 280 -13.94 22.69 -14.40
C GLY B 280 -14.60 21.35 -14.24
N SER B 281 -14.30 20.44 -15.18
CA SER B 281 -14.85 19.09 -15.14
C SER B 281 -13.69 18.11 -15.11
N ASP B 282 -12.77 18.38 -14.20
CA ASP B 282 -11.59 17.55 -14.00
C ASP B 282 -11.27 17.73 -12.51
N PRO B 283 -11.61 16.72 -11.69
CA PRO B 283 -11.40 16.73 -10.25
C PRO B 283 -9.96 16.69 -9.75
N ILE B 284 -9.77 17.20 -8.54
CA ILE B 284 -8.47 17.18 -7.87
C ILE B 284 -8.71 16.07 -6.85
N LEU B 285 -7.88 15.03 -6.89
CA LEU B 285 -8.02 13.91 -5.98
C LEU B 285 -9.46 13.40 -5.93
N GLY B 286 -10.11 13.36 -7.09
CA GLY B 286 -11.48 12.87 -7.18
C GLY B 286 -12.58 13.82 -6.71
N GLN B 287 -12.20 15.00 -6.23
CA GLN B 287 -13.17 15.97 -5.74
C GLN B 287 -13.42 17.18 -6.63
N TYR B 288 -14.66 17.66 -6.62
CA TYR B 288 -15.02 18.83 -7.41
C TYR B 288 -15.34 19.96 -6.43
N ASN B 289 -14.71 19.87 -5.26
CA ASN B 289 -14.86 20.86 -4.19
C ASN B 289 -13.61 20.86 -3.33
N PHE B 290 -13.20 22.05 -2.89
CA PHE B 290 -12.00 22.20 -2.06
C PHE B 290 -11.97 21.38 -0.76
N GLU B 291 -10.77 20.90 -0.40
CA GLU B 291 -10.60 20.15 0.84
C GLU B 291 -10.05 21.23 1.76
N ASP B 292 -10.75 21.45 2.88
CA ASP B 292 -10.41 22.53 3.80
C ASP B 292 -9.66 22.20 5.10
N GLU B 293 -9.69 20.93 5.52
CA GLU B 293 -9.07 20.56 6.79
C GLU B 293 -7.81 19.71 6.81
N LEU B 294 -7.08 19.69 5.70
CA LEU B 294 -5.82 18.96 5.64
C LEU B 294 -4.80 20.08 5.77
N THR B 295 -3.96 20.02 6.79
CA THR B 295 -2.99 21.09 7.03
C THR B 295 -1.64 20.91 6.37
N PRO B 296 -0.88 22.00 6.24
CA PRO B 296 0.45 21.97 5.63
C PRO B 296 1.32 20.97 6.37
N GLU B 297 1.34 21.09 7.70
CA GLU B 297 2.15 20.19 8.51
C GLU B 297 1.73 18.75 8.33
N SER B 298 0.43 18.48 8.25
CA SER B 298 -0.04 17.11 8.09
C SER B 298 0.40 16.53 6.74
N VAL B 299 0.33 17.36 5.70
CA VAL B 299 0.74 16.92 4.37
C VAL B 299 2.24 16.67 4.38
N PHE B 300 3.01 17.60 4.94
CA PHE B 300 4.44 17.42 4.95
C PHE B 300 4.89 16.17 5.69
N ASN B 301 4.26 15.89 6.83
CA ASN B 301 4.65 14.71 7.61
C ASN B 301 4.34 13.38 6.91
N GLN B 302 3.39 13.39 5.98
CA GLN B 302 3.01 12.17 5.27
C GLN B 302 3.74 11.99 3.94
N VAL B 303 4.32 13.06 3.43
CA VAL B 303 5.01 13.02 2.15
C VAL B 303 6.17 12.03 2.11
N GLY B 304 6.89 11.89 3.22
CA GLY B 304 8.02 10.99 3.26
C GLY B 304 7.74 9.57 2.80
N GLY B 305 6.53 9.10 3.06
CA GLY B 305 6.15 7.75 2.69
C GLY B 305 5.90 7.54 1.20
N VAL B 306 6.04 8.59 0.41
CA VAL B 306 5.82 8.46 -1.03
C VAL B 306 7.01 7.74 -1.66
N ARG B 307 6.75 6.87 -2.64
CA ARG B 307 7.81 6.16 -3.31
C ARG B 307 8.64 7.10 -4.15
N LEU B 308 9.91 7.26 -3.76
CA LEU B 308 10.83 8.14 -4.45
C LEU B 308 10.97 7.73 -5.92
N LEU C 8 30.69 -28.33 2.64
CA LEU C 8 29.40 -28.60 2.08
C LEU C 8 29.08 -27.60 1.03
N VAL C 9 28.59 -28.35 0.09
CA VAL C 9 28.37 -27.94 -1.20
C VAL C 9 26.97 -27.70 -1.66
N SER C 10 26.76 -26.50 -2.15
CA SER C 10 25.45 -26.14 -2.68
C SER C 10 25.12 -26.92 -3.92
N PRO C 11 23.82 -27.16 -4.17
CA PRO C 11 23.38 -27.91 -5.34
C PRO C 11 23.96 -27.32 -6.65
N SER C 12 24.01 -26.00 -6.74
CA SER C 12 24.54 -25.35 -7.92
C SER C 12 26.05 -25.53 -8.00
N SER C 13 26.71 -25.47 -6.85
CA SER C 13 28.15 -25.66 -6.82
C SER C 13 28.44 -27.10 -7.24
N ALA C 14 27.53 -27.99 -6.89
CA ALA C 14 27.66 -29.41 -7.21
C ALA C 14 27.54 -29.66 -8.71
N VAL C 15 26.63 -28.94 -9.36
CA VAL C 15 26.44 -29.10 -10.80
C VAL C 15 27.74 -28.78 -11.52
N GLU C 16 28.44 -27.76 -11.03
CA GLU C 16 29.70 -27.37 -11.62
C GLU C 16 30.68 -28.53 -11.54
N LYS C 17 30.74 -29.15 -10.37
CA LYS C 17 31.64 -30.26 -10.15
C LYS C 17 31.28 -31.49 -10.96
N CYS C 18 30.14 -31.46 -11.64
CA CYS C 18 29.70 -32.57 -12.47
C CYS C 18 30.02 -32.30 -13.94
N ILE C 19 30.54 -31.11 -14.21
CA ILE C 19 30.89 -30.71 -15.57
C ILE C 19 32.25 -31.30 -15.93
N VAL C 20 32.32 -31.92 -17.09
CA VAL C 20 33.57 -32.52 -17.56
C VAL C 20 33.75 -32.23 -19.04
N SER C 21 34.98 -32.30 -19.50
CA SER C 21 35.29 -32.07 -20.92
C SER C 21 35.46 -33.42 -21.60
N VAL C 22 34.86 -33.54 -22.75
CA VAL C 22 34.91 -34.75 -23.48
C VAL C 22 35.57 -34.49 -24.81
N SER C 23 36.67 -35.18 -25.09
CA SER C 23 37.31 -35.10 -26.39
C SER C 23 37.24 -36.41 -27.10
N TYR C 24 36.92 -36.37 -28.38
CA TYR C 24 37.16 -37.55 -29.13
C TYR C 24 37.49 -37.32 -30.57
N ARG C 25 38.67 -37.76 -30.97
CA ARG C 25 39.38 -37.25 -32.13
C ARG C 25 39.62 -35.78 -32.11
N GLY C 26 40.19 -35.24 -31.04
CA GLY C 26 40.41 -33.81 -31.03
C GLY C 26 39.17 -33.00 -31.34
N ASN C 27 38.02 -33.50 -30.91
CA ASN C 27 36.73 -32.85 -31.12
C ASN C 27 36.14 -32.58 -29.73
N ASN C 28 36.69 -31.58 -29.04
CA ASN C 28 36.26 -31.27 -27.67
C ASN C 28 34.97 -30.46 -27.44
N LEU C 29 34.19 -30.92 -26.46
CA LEU C 29 32.94 -30.28 -26.04
C LEU C 29 32.71 -30.61 -24.56
N ASN C 30 31.65 -30.07 -23.96
CA ASN C 30 31.36 -30.31 -22.54
C ASN C 30 30.43 -31.48 -22.33
N GLY C 31 30.48 -32.05 -21.13
CA GLY C 31 29.63 -33.17 -20.76
C GLY C 31 29.18 -33.05 -19.32
N LEU C 32 28.08 -33.72 -18.97
CA LEU C 32 27.54 -33.70 -17.62
C LEU C 32 27.74 -35.10 -17.03
N TRP C 33 28.44 -35.16 -15.90
CA TRP C 33 28.74 -36.42 -15.23
C TRP C 33 27.94 -36.61 -13.95
N LEU C 34 26.93 -37.49 -14.01
CA LEU C 34 26.05 -37.80 -12.89
C LEU C 34 26.08 -39.30 -12.64
N GLY C 35 26.19 -39.69 -11.37
CA GLY C 35 26.26 -41.12 -11.06
C GLY C 35 27.49 -41.67 -11.76
N ASP C 36 27.29 -42.61 -12.68
CA ASP C 36 28.42 -43.14 -13.41
C ASP C 36 28.18 -42.96 -14.90
N SER C 37 27.35 -41.98 -15.22
CA SER C 37 27.03 -41.68 -16.61
C SER C 37 27.44 -40.27 -17.00
N ILE C 38 27.92 -40.14 -18.25
CA ILE C 38 28.34 -38.85 -18.79
C ILE C 38 27.41 -38.54 -19.96
N TYR C 39 26.77 -37.39 -19.92
CA TYR C 39 25.88 -37.01 -21.01
C TYR C 39 26.56 -35.86 -21.76
N CYS C 40 26.45 -35.88 -23.09
CA CYS C 40 27.04 -34.85 -23.93
C CYS C 40 26.43 -34.99 -25.31
N PRO C 41 26.61 -33.99 -26.17
CA PRO C 41 26.05 -34.06 -27.54
C PRO C 41 26.67 -35.14 -28.41
N ARG C 42 25.83 -36.01 -28.98
CA ARG C 42 26.34 -37.08 -29.83
C ARG C 42 27.22 -36.60 -30.98
N HIS C 43 27.15 -35.31 -31.32
CA HIS C 43 27.97 -34.82 -32.42
C HIS C 43 29.47 -34.70 -32.08
N VAL C 44 29.89 -35.24 -30.95
CA VAL C 44 31.31 -35.20 -30.59
C VAL C 44 31.95 -36.12 -31.62
N LEU C 45 31.13 -37.04 -32.13
CA LEU C 45 31.54 -38.02 -33.10
C LEU C 45 31.66 -37.42 -34.50
N GLY C 46 31.33 -36.14 -34.63
CA GLY C 46 31.40 -35.47 -35.91
C GLY C 46 30.04 -35.36 -36.57
N LYS C 47 29.76 -34.21 -37.18
CA LYS C 47 28.48 -33.99 -37.84
C LYS C 47 28.39 -35.31 -38.58
N PHE C 48 27.25 -35.98 -38.40
CA PHE C 48 27.02 -37.27 -39.04
C PHE C 48 25.51 -37.19 -39.27
N SER C 49 24.91 -38.32 -39.64
CA SER C 49 23.50 -38.35 -40.00
C SER C 49 22.99 -39.79 -40.09
N GLY C 50 21.90 -39.97 -40.84
CA GLY C 50 20.99 -41.08 -40.60
C GLY C 50 20.38 -41.04 -39.23
N ASP C 51 20.09 -42.19 -38.69
CA ASP C 51 20.37 -43.48 -39.32
C ASP C 51 21.76 -44.12 -39.31
N GLN C 52 22.70 -43.59 -39.03
CA GLN C 52 24.07 -43.98 -39.38
C GLN C 52 24.88 -43.68 -38.14
N TRP C 53 24.20 -43.26 -37.07
CA TRP C 53 24.87 -42.93 -35.81
C TRP C 53 25.28 -44.17 -35.05
N GLY C 54 24.35 -45.11 -34.90
CA GLY C 54 24.64 -46.32 -34.17
C GLY C 54 25.85 -47.08 -34.70
N ASP C 55 26.11 -46.95 -36.00
CA ASP C 55 27.23 -47.64 -36.63
C ASP C 55 28.54 -47.02 -36.14
N VAL C 56 28.58 -45.69 -36.18
CA VAL C 56 29.77 -44.93 -35.78
C VAL C 56 30.01 -45.21 -34.29
N LEU C 57 28.92 -45.56 -33.62
CA LEU C 57 28.94 -45.85 -32.19
C LEU C 57 29.80 -47.06 -31.78
N ASN C 58 29.66 -48.17 -32.51
CA ASN C 58 30.41 -49.40 -32.20
C ASN C 58 31.89 -49.29 -32.60
N LEU C 59 32.16 -48.61 -33.71
CA LEU C 59 33.51 -48.45 -34.26
C LEU C 59 34.54 -47.76 -33.37
N ALA C 60 34.09 -47.03 -32.35
CA ALA C 60 35.02 -46.33 -31.47
C ALA C 60 35.39 -47.14 -30.23
N ASN C 61 36.62 -46.97 -29.76
CA ASN C 61 37.10 -47.67 -28.57
C ASN C 61 36.79 -46.79 -27.35
N ASN C 62 36.67 -47.42 -26.18
CA ASN C 62 36.35 -46.69 -24.95
C ASN C 62 37.57 -46.00 -24.36
N HIS C 63 38.74 -46.25 -24.94
CA HIS C 63 39.96 -45.64 -24.45
C HIS C 63 40.17 -44.32 -25.20
N GLU C 64 39.44 -44.15 -26.31
CA GLU C 64 39.55 -42.95 -27.14
C GLU C 64 38.90 -41.72 -26.52
N PHE C 65 37.85 -41.95 -25.74
CA PHE C 65 37.15 -40.86 -25.09
C PHE C 65 37.95 -40.26 -23.94
N GLU C 66 38.50 -39.08 -24.18
CA GLU C 66 39.27 -38.39 -23.15
C GLU C 66 38.24 -37.57 -22.38
N VAL C 67 38.10 -37.86 -21.08
CA VAL C 67 37.15 -37.16 -20.24
C VAL C 67 37.85 -36.70 -18.96
N VAL C 68 38.02 -35.40 -18.83
CA VAL C 68 38.71 -34.84 -17.67
C VAL C 68 37.76 -34.24 -16.64
N THR C 69 38.09 -34.46 -15.37
CA THR C 69 37.31 -33.95 -14.25
C THR C 69 37.62 -32.46 -14.08
N GLN C 70 36.85 -31.79 -13.23
CA GLN C 70 37.07 -30.37 -12.97
C GLN C 70 38.44 -30.15 -12.36
N ASN C 71 38.91 -31.12 -11.59
CA ASN C 71 40.23 -31.00 -10.96
C ASN C 71 41.32 -31.81 -11.67
N GLY C 72 41.17 -31.95 -12.99
CA GLY C 72 42.15 -32.64 -13.82
C GLY C 72 42.35 -34.13 -13.68
N VAL C 73 41.30 -34.92 -13.85
CA VAL C 73 41.41 -36.37 -13.76
C VAL C 73 40.75 -37.03 -14.96
N THR C 74 41.46 -37.96 -15.59
CA THR C 74 40.93 -38.66 -16.76
C THR C 74 40.09 -39.87 -16.34
N LEU C 75 38.78 -39.77 -16.51
CA LEU C 75 37.88 -40.86 -16.16
C LEU C 75 37.99 -41.95 -17.22
N ASN C 76 37.69 -43.18 -16.84
CA ASN C 76 37.76 -44.29 -17.78
C ASN C 76 36.36 -44.71 -18.22
N VAL C 77 36.16 -44.78 -19.54
CA VAL C 77 34.87 -45.18 -20.08
C VAL C 77 34.79 -46.70 -20.21
N VAL C 78 33.60 -47.26 -19.97
CA VAL C 78 33.40 -48.70 -20.04
C VAL C 78 32.18 -49.08 -20.89
N SER C 79 31.26 -48.13 -21.06
CA SER C 79 30.06 -48.36 -21.84
C SER C 79 29.64 -47.11 -22.58
N ARG C 80 29.06 -47.28 -23.76
CA ARG C 80 28.60 -46.16 -24.55
C ARG C 80 27.35 -46.48 -25.34
N ARG C 81 26.37 -45.59 -25.19
CA ARG C 81 25.10 -45.75 -25.85
C ARG C 81 24.56 -44.40 -26.36
N LEU C 82 23.40 -44.45 -26.99
CA LEU C 82 22.78 -43.24 -27.52
C LEU C 82 21.29 -43.14 -27.23
N LYS C 83 20.87 -42.00 -26.69
CA LYS C 83 19.47 -41.76 -26.44
C LYS C 83 19.19 -40.47 -27.17
N GLY C 84 18.52 -40.57 -28.32
CA GLY C 84 18.24 -39.39 -29.09
C GLY C 84 19.56 -38.75 -29.50
N ALA C 85 19.59 -37.42 -29.56
CA ALA C 85 20.80 -36.71 -29.93
C ALA C 85 21.80 -36.60 -28.79
N VAL C 86 21.57 -37.34 -27.71
CA VAL C 86 22.47 -37.31 -26.56
C VAL C 86 23.29 -38.58 -26.44
N LEU C 87 24.61 -38.41 -26.31
CA LEU C 87 25.52 -39.52 -26.18
C LEU C 87 25.82 -39.79 -24.71
N ILE C 88 25.49 -40.99 -24.23
CA ILE C 88 25.75 -41.34 -22.83
C ILE C 88 26.94 -42.29 -22.71
N LEU C 89 27.98 -41.84 -22.03
CA LEU C 89 29.18 -42.64 -21.82
C LEU C 89 29.31 -42.98 -20.35
N GLN C 90 29.26 -44.27 -20.02
CA GLN C 90 29.37 -44.73 -18.65
C GLN C 90 30.83 -44.80 -18.18
N THR C 91 31.07 -44.36 -16.95
CA THR C 91 32.40 -44.35 -16.36
C THR C 91 32.61 -45.59 -15.51
N ALA C 92 33.88 -45.88 -15.20
CA ALA C 92 34.23 -47.03 -14.39
C ALA C 92 33.68 -46.84 -12.99
N VAL C 93 33.99 -45.70 -12.38
CA VAL C 93 33.49 -45.40 -11.05
C VAL C 93 32.50 -44.24 -11.15
N ALA C 94 31.68 -44.05 -10.13
CA ALA C 94 30.68 -42.99 -10.14
C ALA C 94 31.13 -41.67 -9.47
N ASN C 95 30.48 -40.58 -9.87
CA ASN C 95 30.76 -39.25 -9.35
C ASN C 95 30.33 -39.16 -7.89
N ALA C 96 31.31 -39.15 -7.00
CA ALA C 96 31.04 -39.08 -5.56
C ALA C 96 30.45 -37.74 -5.14
N GLU C 97 30.18 -36.87 -6.09
CA GLU C 97 29.61 -35.56 -5.75
C GLU C 97 28.35 -35.22 -6.53
N THR C 98 27.74 -36.24 -7.15
CA THR C 98 26.51 -36.04 -7.90
C THR C 98 25.44 -35.55 -6.92
N PRO C 99 24.66 -34.53 -7.30
CA PRO C 99 23.61 -34.04 -6.39
C PRO C 99 22.28 -34.68 -6.73
N LYS C 100 21.34 -34.63 -5.77
CA LYS C 100 20.02 -35.20 -6.01
C LYS C 100 19.55 -34.46 -7.25
N TYR C 101 19.11 -35.19 -8.27
CA TYR C 101 18.67 -34.51 -9.48
C TYR C 101 17.43 -35.11 -10.12
N LYS C 102 17.04 -34.53 -11.26
CA LYS C 102 15.88 -34.98 -11.99
C LYS C 102 15.91 -34.47 -13.42
N PHE C 103 15.59 -35.35 -14.37
CA PHE C 103 15.54 -34.95 -15.77
C PHE C 103 14.10 -34.53 -16.01
N VAL C 104 13.92 -33.24 -16.33
CA VAL C 104 12.60 -32.70 -16.58
C VAL C 104 12.60 -32.02 -17.94
N LYS C 105 11.51 -32.14 -18.67
CA LYS C 105 11.40 -31.49 -19.96
C LYS C 105 10.71 -30.14 -19.73
N ALA C 106 11.42 -29.06 -20.06
CA ALA C 106 10.88 -27.73 -19.87
C ALA C 106 9.94 -27.36 -20.99
N ASN C 107 9.26 -26.23 -20.83
CA ASN C 107 8.32 -25.75 -21.85
C ASN C 107 8.85 -24.46 -22.45
N CYS C 108 8.69 -24.29 -23.75
CA CYS C 108 9.13 -23.07 -24.40
C CYS C 108 8.48 -21.94 -23.64
N GLY C 109 9.28 -20.96 -23.26
CA GLY C 109 8.76 -19.82 -22.53
C GLY C 109 9.28 -19.86 -21.11
N ASP C 110 9.75 -21.03 -20.69
CA ASP C 110 10.29 -21.23 -19.36
C ASP C 110 11.67 -20.62 -19.21
N SER C 111 12.04 -20.31 -17.97
CA SER C 111 13.33 -19.72 -17.68
C SER C 111 14.13 -20.66 -16.78
N PHE C 112 15.45 -20.64 -16.94
CA PHE C 112 16.31 -21.46 -16.11
C PHE C 112 17.77 -21.01 -16.19
N THR C 113 18.65 -21.71 -15.49
CA THR C 113 20.06 -21.34 -15.44
C THR C 113 20.99 -22.27 -16.19
N ILE C 114 21.84 -21.68 -17.03
CA ILE C 114 22.81 -22.45 -17.81
C ILE C 114 24.20 -22.27 -17.19
N ALA C 115 24.88 -23.38 -16.92
CA ALA C 115 26.23 -23.32 -16.38
C ALA C 115 27.12 -23.28 -17.64
N CYS C 116 27.46 -22.07 -18.06
CA CYS C 116 28.27 -21.89 -19.25
C CYS C 116 29.68 -22.42 -19.11
N SER C 117 30.05 -23.33 -20.02
CA SER C 117 31.38 -23.92 -20.00
C SER C 117 32.04 -23.93 -21.39
N TYR C 118 33.31 -23.52 -21.42
CA TYR C 118 34.15 -23.52 -22.64
C TYR C 118 35.44 -24.26 -22.24
N GLY C 119 35.73 -25.36 -22.90
CA GLY C 119 36.95 -26.10 -22.57
C GLY C 119 36.78 -26.91 -21.31
N GLY C 120 35.62 -26.79 -20.69
CA GLY C 120 35.36 -27.55 -19.47
C GLY C 120 35.47 -26.65 -18.27
N THR C 121 35.93 -25.43 -18.52
CA THR C 121 36.07 -24.45 -17.47
C THR C 121 34.78 -23.62 -17.40
N VAL C 122 34.25 -23.47 -16.19
CA VAL C 122 33.01 -22.76 -15.98
C VAL C 122 33.17 -21.25 -16.02
N ILE C 123 32.39 -20.59 -16.88
CA ILE C 123 32.44 -19.15 -17.01
C ILE C 123 31.49 -18.54 -15.99
N GLY C 124 30.40 -19.25 -15.72
CA GLY C 124 29.43 -18.78 -14.76
C GLY C 124 28.04 -19.31 -15.04
N LEU C 125 27.13 -19.04 -14.11
CA LEU C 125 25.74 -19.46 -14.22
C LEU C 125 24.88 -18.31 -14.75
N TYR C 126 24.53 -18.38 -16.03
CA TYR C 126 23.72 -17.36 -16.68
C TYR C 126 22.22 -17.64 -16.70
N PRO C 127 21.40 -16.62 -16.44
CA PRO C 127 19.96 -16.83 -16.47
C PRO C 127 19.54 -16.76 -17.94
N VAL C 128 18.70 -17.70 -18.37
CA VAL C 128 18.22 -17.69 -19.75
C VAL C 128 16.73 -17.98 -19.79
N THR C 129 16.12 -17.67 -20.92
CA THR C 129 14.71 -17.90 -21.13
C THR C 129 14.56 -18.53 -22.51
N MET C 130 13.90 -19.67 -22.58
CA MET C 130 13.71 -20.34 -23.86
C MET C 130 12.61 -19.68 -24.67
N ARG C 131 12.87 -19.48 -25.95
CA ARG C 131 11.90 -18.86 -26.84
C ARG C 131 10.83 -19.84 -27.28
N SER C 132 9.75 -19.30 -27.84
CA SER C 132 8.62 -20.09 -28.31
C SER C 132 8.97 -21.19 -29.31
N ASN C 133 10.01 -20.99 -30.12
CA ASN C 133 10.40 -22.01 -31.09
C ASN C 133 11.52 -22.92 -30.59
N GLY C 134 11.77 -22.90 -29.29
CA GLY C 134 12.82 -23.75 -28.76
C GLY C 134 14.24 -23.15 -28.71
N THR C 135 14.48 -22.05 -29.42
CA THR C 135 15.82 -21.46 -29.39
C THR C 135 16.06 -20.57 -28.19
N ILE C 136 17.32 -20.25 -27.94
CA ILE C 136 17.73 -19.37 -26.85
C ILE C 136 18.66 -18.32 -27.45
N ARG C 137 18.40 -17.05 -27.15
CA ARG C 137 19.25 -15.99 -27.67
C ARG C 137 20.29 -15.68 -26.60
N ALA C 138 21.55 -16.01 -26.89
CA ALA C 138 22.64 -15.79 -25.94
C ALA C 138 23.99 -15.94 -26.64
N SER C 139 24.69 -14.83 -26.82
CA SER C 139 25.98 -14.89 -27.49
C SER C 139 27.00 -15.64 -26.65
N PHE C 140 26.74 -15.81 -25.36
CA PHE C 140 27.73 -16.51 -24.55
C PHE C 140 27.71 -18.02 -24.76
N LEU C 141 26.69 -18.53 -25.42
CA LEU C 141 26.59 -19.97 -25.67
C LEU C 141 27.51 -20.44 -26.79
N ALA C 142 27.97 -19.52 -27.62
CA ALA C 142 28.87 -19.86 -28.72
C ALA C 142 30.10 -20.57 -28.16
N GLY C 143 30.33 -21.80 -28.61
CA GLY C 143 31.46 -22.57 -28.13
C GLY C 143 31.20 -23.17 -26.75
N ALA C 144 29.92 -23.25 -26.37
CA ALA C 144 29.57 -23.79 -25.07
C ALA C 144 28.84 -25.14 -25.13
N CYS C 145 29.01 -25.85 -26.26
CA CYS C 145 28.39 -27.15 -26.48
C CYS C 145 28.49 -28.11 -25.30
N GLY C 146 27.36 -28.66 -24.90
CA GLY C 146 27.39 -29.59 -23.79
C GLY C 146 27.04 -28.94 -22.48
N SER C 147 26.96 -27.62 -22.47
CA SER C 147 26.59 -26.90 -21.27
C SER C 147 25.12 -27.24 -20.98
N VAL C 148 24.75 -27.32 -19.71
CA VAL C 148 23.39 -27.69 -19.35
C VAL C 148 22.60 -26.60 -18.63
N GLY C 149 21.29 -26.67 -18.78
CA GLY C 149 20.37 -25.73 -18.16
C GLY C 149 19.62 -26.42 -17.05
N PHE C 150 19.38 -25.71 -15.95
CA PHE C 150 18.69 -26.30 -14.81
C PHE C 150 18.15 -25.23 -13.89
N ASN C 151 17.49 -25.67 -12.82
CA ASN C 151 17.01 -24.80 -11.76
C ASN C 151 17.00 -25.65 -10.51
N ILE C 152 16.76 -25.04 -9.36
CA ILE C 152 16.74 -25.79 -8.12
C ILE C 152 15.41 -25.69 -7.41
N GLU C 153 14.87 -26.84 -7.04
CA GLU C 153 13.61 -26.91 -6.32
C GLU C 153 13.76 -27.84 -5.14
N LYS C 154 13.60 -27.29 -3.95
CA LYS C 154 13.71 -28.06 -2.72
C LYS C 154 14.95 -28.96 -2.66
N GLY C 155 16.12 -28.37 -2.92
CA GLY C 155 17.35 -29.12 -2.85
C GLY C 155 17.61 -30.12 -3.96
N VAL C 156 16.68 -30.22 -4.90
CA VAL C 156 16.86 -31.14 -6.01
C VAL C 156 17.08 -30.35 -7.29
N VAL C 157 18.06 -30.80 -8.08
CA VAL C 157 18.43 -30.15 -9.33
C VAL C 157 17.62 -30.70 -10.51
N ASN C 158 16.89 -29.82 -11.20
CA ASN C 158 16.15 -30.25 -12.37
C ASN C 158 16.94 -29.90 -13.62
N PHE C 159 17.55 -30.92 -14.25
CA PHE C 159 18.31 -30.68 -15.46
C PHE C 159 17.31 -30.67 -16.60
N PHE C 160 17.17 -29.51 -17.27
CA PHE C 160 16.23 -29.39 -18.36
C PHE C 160 16.89 -29.34 -19.73
N TYR C 161 18.10 -28.79 -19.76
CA TYR C 161 18.73 -28.53 -21.03
C TYR C 161 20.22 -28.84 -21.22
N MET C 162 20.58 -29.01 -22.47
CA MET C 162 21.95 -29.22 -22.88
C MET C 162 22.11 -28.57 -24.24
N HIS C 163 23.03 -27.63 -24.31
CA HIS C 163 23.33 -26.89 -25.52
C HIS C 163 23.90 -27.75 -26.64
N HIS C 164 23.47 -27.51 -27.87
CA HIS C 164 23.94 -28.29 -29.00
C HIS C 164 24.53 -27.50 -30.16
N LEU C 165 23.73 -26.59 -30.71
CA LEU C 165 24.16 -25.84 -31.88
C LEU C 165 23.87 -24.35 -31.85
N GLU C 166 24.70 -23.60 -32.58
CA GLU C 166 24.57 -22.17 -32.69
C GLU C 166 24.12 -21.87 -34.12
N LEU C 167 23.13 -20.98 -34.26
CA LEU C 167 22.64 -20.58 -35.57
C LEU C 167 22.96 -19.11 -35.71
N PRO C 168 22.60 -18.51 -36.86
CA PRO C 168 22.86 -17.08 -37.08
C PRO C 168 22.17 -16.25 -36.01
N ASN C 169 22.70 -15.05 -35.75
CA ASN C 169 22.10 -14.13 -34.79
C ASN C 169 22.16 -14.48 -33.32
N ALA C 170 23.19 -15.20 -32.89
CA ALA C 170 23.32 -15.56 -31.48
C ALA C 170 22.15 -16.41 -30.94
N LEU C 171 21.52 -17.18 -31.83
CA LEU C 171 20.42 -18.06 -31.44
C LEU C 171 20.96 -19.49 -31.35
N HIS C 172 20.50 -20.23 -30.34
CA HIS C 172 20.99 -21.58 -30.17
C HIS C 172 19.89 -22.63 -29.98
N THR C 173 20.20 -23.87 -30.35
CA THR C 173 19.23 -24.95 -30.20
C THR C 173 19.85 -26.03 -29.32
N GLY C 174 19.00 -26.74 -28.59
CA GLY C 174 19.45 -27.79 -27.69
C GLY C 174 18.37 -28.83 -27.38
N THR C 175 18.74 -29.82 -26.59
CA THR C 175 17.85 -30.90 -26.21
C THR C 175 17.75 -31.04 -24.71
N ASP C 176 16.87 -31.91 -24.24
CA ASP C 176 16.76 -32.18 -22.81
C ASP C 176 17.75 -33.32 -22.62
N LEU C 177 17.89 -33.81 -21.39
CA LEU C 177 18.83 -34.91 -21.16
C LEU C 177 18.35 -36.25 -21.71
N MET C 178 17.27 -36.21 -22.48
CA MET C 178 16.74 -37.43 -23.10
C MET C 178 17.03 -37.41 -24.59
N GLY C 179 17.72 -36.37 -25.05
CA GLY C 179 18.07 -36.28 -26.45
C GLY C 179 17.07 -35.65 -27.40
N GLU C 180 15.93 -35.17 -26.91
CA GLU C 180 14.94 -34.55 -27.79
C GLU C 180 15.24 -33.06 -27.95
N PHE C 181 15.03 -32.54 -29.15
CA PHE C 181 15.28 -31.13 -29.40
C PHE C 181 14.08 -30.25 -29.06
N TYR C 182 14.32 -29.25 -28.23
CA TYR C 182 13.27 -28.32 -27.84
C TYR C 182 12.81 -27.68 -29.14
N GLY C 183 11.50 -27.50 -29.28
CA GLY C 183 10.98 -26.92 -30.50
C GLY C 183 10.57 -28.03 -31.44
N GLY C 184 10.92 -29.26 -31.08
CA GLY C 184 10.57 -30.41 -31.88
C GLY C 184 11.26 -30.54 -33.22
N TYR C 185 12.59 -30.68 -33.20
CA TYR C 185 13.36 -30.84 -34.44
C TYR C 185 13.96 -32.24 -34.38
N VAL C 186 13.80 -33.02 -35.44
CA VAL C 186 14.33 -34.38 -35.46
C VAL C 186 15.86 -34.46 -35.54
N ASP C 187 16.43 -33.97 -36.64
CA ASP C 187 17.88 -34.01 -36.84
C ASP C 187 18.61 -32.77 -36.34
N GLU C 188 19.93 -32.91 -36.19
CA GLU C 188 20.75 -31.77 -35.79
C GLU C 188 20.64 -30.86 -36.99
N GLU C 189 20.44 -31.49 -38.14
CA GLU C 189 20.32 -30.78 -39.40
C GLU C 189 19.12 -29.84 -39.42
N VAL C 190 18.00 -30.27 -38.86
CA VAL C 190 16.84 -29.39 -38.83
C VAL C 190 17.02 -28.31 -37.75
N ALA C 191 17.67 -28.70 -36.65
CA ALA C 191 17.93 -27.79 -35.53
C ALA C 191 19.05 -26.80 -35.81
N GLN C 192 19.79 -27.05 -36.90
CA GLN C 192 20.91 -26.21 -37.30
C GLN C 192 20.44 -25.12 -38.26
N ARG C 193 19.18 -25.20 -38.69
CA ARG C 193 18.69 -24.21 -39.62
C ARG C 193 17.31 -23.66 -39.31
N VAL C 194 16.88 -23.76 -38.04
CA VAL C 194 15.57 -23.25 -37.68
C VAL C 194 15.52 -21.75 -37.92
N PRO C 195 14.53 -21.30 -38.70
CA PRO C 195 14.44 -19.86 -38.98
C PRO C 195 14.07 -19.05 -37.74
N PRO C 196 14.46 -17.76 -37.74
CA PRO C 196 14.19 -16.85 -36.63
C PRO C 196 12.70 -16.66 -36.41
N ASP C 197 12.28 -16.64 -35.15
CA ASP C 197 10.88 -16.40 -34.85
C ASP C 197 10.77 -14.88 -34.76
N ASN C 198 9.56 -14.35 -34.67
CA ASN C 198 9.37 -12.91 -34.60
C ASN C 198 9.88 -12.24 -33.33
N LEU C 199 10.35 -11.00 -33.48
CA LEU C 199 10.79 -10.24 -32.32
C LEU C 199 9.48 -9.76 -31.69
N VAL C 200 9.37 -9.86 -30.37
CA VAL C 200 8.14 -9.46 -29.68
C VAL C 200 8.06 -7.96 -29.44
N THR C 201 7.24 -7.30 -30.25
CA THR C 201 7.06 -5.85 -30.19
C THR C 201 6.72 -5.30 -28.81
N ASN C 202 5.75 -5.91 -28.14
CA ASN C 202 5.33 -5.42 -26.82
C ASN C 202 6.48 -5.35 -25.83
N ASN C 203 7.34 -6.37 -25.84
CA ASN C 203 8.48 -6.42 -24.96
C ASN C 203 9.53 -5.39 -25.37
N ILE C 204 9.70 -5.18 -26.67
CA ILE C 204 10.66 -4.17 -27.10
C ILE C 204 10.16 -2.82 -26.61
N VAL C 205 8.85 -2.61 -26.70
CA VAL C 205 8.26 -1.36 -26.23
C VAL C 205 8.58 -1.21 -24.72
N ALA C 206 8.49 -2.30 -23.98
CA ALA C 206 8.76 -2.27 -22.54
C ALA C 206 10.22 -1.93 -22.29
N TRP C 207 11.10 -2.52 -23.08
CA TRP C 207 12.52 -2.29 -22.98
C TRP C 207 12.81 -0.82 -23.26
N LEU C 208 12.19 -0.28 -24.29
CA LEU C 208 12.39 1.14 -24.60
C LEU C 208 11.84 2.00 -23.47
N TYR C 209 10.71 1.61 -22.87
CA TYR C 209 10.20 2.43 -21.76
C TYR C 209 11.20 2.35 -20.62
N ALA C 210 11.77 1.17 -20.41
CA ALA C 210 12.77 0.98 -19.36
C ALA C 210 13.97 1.87 -19.68
N ALA C 211 14.29 2.05 -20.95
CA ALA C 211 15.42 2.90 -21.33
C ALA C 211 15.12 4.36 -20.97
N ILE C 212 13.91 4.80 -21.28
CA ILE C 212 13.50 6.17 -20.99
C ILE C 212 13.56 6.41 -19.48
N ILE C 213 12.98 5.48 -18.73
CA ILE C 213 12.94 5.56 -17.27
C ILE C 213 14.33 5.56 -16.65
N SER C 214 15.28 4.83 -17.24
CA SER C 214 16.61 4.78 -16.65
C SER C 214 17.41 6.05 -16.87
N VAL C 215 17.01 6.84 -17.86
CA VAL C 215 17.73 8.08 -18.19
C VAL C 215 17.16 9.40 -17.68
N LYS C 216 15.96 9.36 -17.11
CA LYS C 216 15.36 10.58 -16.57
C LYS C 216 16.03 10.77 -15.25
N GLU C 217 16.47 9.65 -14.75
CA GLU C 217 17.12 9.54 -13.47
C GLU C 217 18.50 10.17 -13.47
N SER C 218 19.17 10.11 -14.60
CA SER C 218 20.24 11.09 -14.98
C SER C 218 19.66 12.37 -15.49
N SER C 219 18.34 12.55 -15.31
CA SER C 219 17.78 13.87 -15.08
C SER C 219 17.44 14.72 -16.30
N PHE C 220 17.80 14.24 -17.49
CA PHE C 220 18.30 15.09 -18.55
C PHE C 220 17.19 15.54 -19.50
N SER C 221 16.74 14.62 -20.35
CA SER C 221 16.12 15.00 -21.62
C SER C 221 15.47 13.74 -22.20
N GLN C 222 14.93 13.87 -23.41
CA GLN C 222 14.70 12.66 -24.15
C GLN C 222 15.92 12.05 -24.80
N PRO C 223 15.94 10.74 -24.86
CA PRO C 223 17.02 10.00 -25.52
C PRO C 223 17.21 10.40 -26.99
N LYS C 224 18.45 10.40 -27.45
CA LYS C 224 18.77 10.75 -28.84
C LYS C 224 18.05 9.85 -29.84
N TRP C 225 17.99 8.56 -29.52
CA TRP C 225 17.38 7.54 -30.38
C TRP C 225 15.85 7.51 -30.42
N LEU C 226 15.21 8.34 -29.60
CA LEU C 226 13.77 8.38 -29.53
C LEU C 226 13.11 9.28 -30.55
N GLU C 227 12.33 8.69 -31.45
CA GLU C 227 11.62 9.44 -32.48
C GLU C 227 10.60 10.40 -31.84
N SER C 228 10.42 11.56 -32.47
CA SER C 228 9.47 12.53 -31.97
C SER C 228 8.18 12.46 -32.79
N THR C 229 8.19 11.60 -33.80
CA THR C 229 7.05 11.41 -34.68
C THR C 229 6.33 10.11 -34.34
N THR C 230 5.03 10.08 -34.62
CA THR C 230 4.23 8.89 -34.34
C THR C 230 3.95 8.14 -35.63
N VAL C 231 3.52 6.89 -35.49
CA VAL C 231 3.12 6.05 -36.61
C VAL C 231 1.86 5.43 -36.04
N SER C 232 0.91 5.07 -36.90
CA SER C 232 -0.33 4.47 -36.41
C SER C 232 -0.05 3.01 -36.10
N ILE C 233 -0.84 2.43 -35.20
CA ILE C 233 -0.68 1.05 -34.86
C ILE C 233 -0.97 0.22 -36.11
N GLU C 234 -2.03 0.56 -36.85
CA GLU C 234 -2.33 -0.20 -38.07
C GLU C 234 -1.13 -0.24 -39.00
N ASP C 235 -0.53 0.92 -39.28
CA ASP C 235 0.63 0.94 -40.15
C ASP C 235 1.80 0.15 -39.57
N TYR C 236 2.09 0.35 -38.29
CA TYR C 236 3.18 -0.39 -37.67
C TYR C 236 2.92 -1.88 -37.76
N ASN C 237 1.67 -2.29 -37.54
CA ASN C 237 1.35 -3.72 -37.60
C ASN C 237 1.45 -4.31 -39.00
N ARG C 238 1.11 -3.51 -40.00
CA ARG C 238 1.22 -3.98 -41.38
C ARG C 238 2.71 -4.20 -41.63
N TRP C 239 3.51 -3.24 -41.16
CA TRP C 239 4.96 -3.29 -41.32
C TRP C 239 5.57 -4.49 -40.60
N ALA C 240 5.19 -4.67 -39.33
CA ALA C 240 5.73 -5.77 -38.51
C ALA C 240 5.56 -7.15 -39.15
N SER C 241 4.42 -7.36 -39.81
CA SER C 241 4.14 -8.65 -40.46
C SER C 241 5.05 -8.87 -41.65
N ASP C 242 5.66 -7.81 -42.16
CA ASP C 242 6.57 -7.94 -43.28
C ASP C 242 8.01 -7.87 -42.80
N ASN C 243 8.23 -7.65 -41.51
CA ASN C 243 9.59 -7.53 -41.01
C ASN C 243 10.01 -8.38 -39.83
N GLY C 244 9.27 -9.45 -39.55
CA GLY C 244 9.64 -10.33 -38.45
C GLY C 244 9.36 -9.84 -37.03
N PHE C 245 8.33 -9.03 -36.86
CA PHE C 245 7.97 -8.50 -35.54
C PHE C 245 6.51 -8.88 -35.25
N THR C 246 6.21 -9.22 -34.00
CA THR C 246 4.84 -9.55 -33.65
C THR C 246 4.06 -8.25 -33.74
N PRO C 247 2.72 -8.35 -33.84
CA PRO C 247 1.93 -7.13 -33.92
C PRO C 247 1.91 -6.46 -32.55
N PHE C 248 1.61 -5.18 -32.51
CA PHE C 248 1.50 -4.46 -31.26
C PHE C 248 0.07 -4.54 -30.73
N SER C 249 -0.06 -4.79 -29.43
CA SER C 249 -1.37 -4.84 -28.78
C SER C 249 -1.21 -4.24 -27.39
N THR C 250 -2.16 -3.38 -27.01
CA THR C 250 -2.09 -2.72 -25.72
C THR C 250 -2.35 -3.63 -24.52
N SER C 251 -1.94 -3.15 -23.36
CA SER C 251 -2.10 -3.87 -22.08
C SER C 251 -2.12 -2.75 -21.04
N THR C 252 -2.61 -3.05 -19.85
CA THR C 252 -2.66 -2.02 -18.84
C THR C 252 -1.24 -1.62 -18.48
N ALA C 253 -0.33 -2.58 -18.48
CA ALA C 253 1.06 -2.32 -18.15
C ALA C 253 1.68 -1.28 -19.09
N ILE C 254 1.51 -1.48 -20.40
CA ILE C 254 2.04 -0.54 -21.39
C ILE C 254 1.43 0.84 -21.17
N THR C 255 0.14 0.86 -20.89
CA THR C 255 -0.57 2.13 -20.66
C THR C 255 0.00 2.89 -19.48
N LYS C 256 0.30 2.17 -18.41
CA LYS C 256 0.86 2.80 -17.22
C LYS C 256 2.29 3.27 -17.48
N LEU C 257 3.03 2.53 -18.30
CA LEU C 257 4.39 2.93 -18.61
C LEU C 257 4.31 4.19 -19.47
N SER C 258 3.29 4.28 -20.31
CA SER C 258 3.14 5.45 -21.14
C SER C 258 2.81 6.69 -20.30
N ALA C 259 1.91 6.53 -19.33
CA ALA C 259 1.52 7.65 -18.47
C ALA C 259 2.68 8.10 -17.58
N ILE C 260 3.42 7.14 -17.07
CA ILE C 260 4.56 7.42 -16.20
C ILE C 260 5.66 8.21 -16.89
N THR C 261 5.94 7.87 -18.14
CA THR C 261 7.00 8.55 -18.88
C THR C 261 6.54 9.72 -19.71
N GLY C 262 5.27 9.74 -20.08
CA GLY C 262 4.77 10.83 -20.91
C GLY C 262 5.08 10.60 -22.38
N VAL C 263 5.59 9.42 -22.72
CA VAL C 263 5.92 9.11 -24.11
C VAL C 263 4.91 8.16 -24.75
N ASP C 264 4.29 8.66 -25.81
CA ASP C 264 3.28 7.94 -26.60
C ASP C 264 3.90 6.68 -27.22
N VAL C 265 3.24 5.53 -27.06
CA VAL C 265 3.76 4.28 -27.61
C VAL C 265 4.03 4.36 -29.10
N CYS C 266 3.22 5.13 -29.80
CA CYS C 266 3.38 5.28 -31.23
C CYS C 266 4.73 5.83 -31.61
N LYS C 267 5.32 6.61 -30.71
CA LYS C 267 6.66 7.14 -30.98
C LYS C 267 7.63 5.98 -30.84
N LEU C 268 7.35 5.05 -29.92
CA LEU C 268 8.23 3.91 -29.75
C LEU C 268 8.08 2.95 -30.91
N LEU C 269 6.85 2.80 -31.42
CA LEU C 269 6.66 1.89 -32.55
C LEU C 269 7.45 2.46 -33.73
N ARG C 270 7.39 3.78 -33.91
CA ARG C 270 8.13 4.37 -35.01
C ARG C 270 9.62 4.20 -34.80
N THR C 271 10.05 4.32 -33.55
CA THR C 271 11.45 4.17 -33.24
C THR C 271 11.92 2.79 -33.65
N ILE C 272 11.06 1.79 -33.47
CA ILE C 272 11.39 0.41 -33.81
C ILE C 272 11.58 0.30 -35.32
N MET C 273 10.67 0.91 -36.06
CA MET C 273 10.76 0.84 -37.51
C MET C 273 12.09 1.46 -37.97
N VAL C 274 12.35 2.69 -37.51
CA VAL C 274 13.56 3.42 -37.86
C VAL C 274 14.87 2.69 -37.54
N LYS C 275 15.05 2.31 -36.28
CA LYS C 275 16.27 1.62 -35.84
C LYS C 275 16.38 0.22 -36.41
N SER C 276 15.24 -0.31 -36.87
CA SER C 276 15.25 -1.63 -37.46
C SER C 276 15.81 -1.53 -38.88
N ALA C 277 15.48 -0.44 -39.56
CA ALA C 277 15.95 -0.23 -40.93
C ALA C 277 17.44 0.11 -40.92
N GLN C 278 17.85 0.93 -39.95
CA GLN C 278 19.25 1.29 -39.75
C GLN C 278 19.40 1.76 -38.32
N TRP C 279 20.15 1.02 -37.52
CA TRP C 279 20.35 1.39 -36.13
C TRP C 279 21.19 2.67 -35.98
N GLY C 280 22.33 2.72 -36.64
CA GLY C 280 23.17 3.90 -36.54
C GLY C 280 24.12 3.80 -35.36
N SER C 281 24.80 4.90 -35.04
CA SER C 281 25.76 4.91 -33.96
C SER C 281 25.21 5.03 -32.55
N ASP C 282 23.93 5.39 -32.39
CA ASP C 282 23.35 5.51 -31.06
C ASP C 282 22.92 4.18 -30.45
N PRO C 283 23.57 3.77 -29.35
CA PRO C 283 23.17 2.50 -28.74
C PRO C 283 21.98 2.81 -27.82
N ILE C 284 21.27 1.78 -27.41
CA ILE C 284 20.15 1.94 -26.50
C ILE C 284 20.50 1.02 -25.34
N LEU C 285 20.68 1.61 -24.16
CA LEU C 285 21.05 0.82 -22.99
C LEU C 285 22.31 -0.01 -23.30
N GLY C 286 23.22 0.58 -24.08
CA GLY C 286 24.46 -0.09 -24.44
C GLY C 286 24.42 -1.04 -25.62
N GLN C 287 23.21 -1.42 -26.04
CA GLN C 287 23.02 -2.36 -27.15
C GLN C 287 22.74 -1.79 -28.54
N TYR C 288 23.06 -2.59 -29.55
CA TYR C 288 22.82 -2.21 -30.92
C TYR C 288 21.78 -3.12 -31.57
N ASN C 289 20.96 -3.73 -30.74
CA ASN C 289 19.89 -4.58 -31.22
C ASN C 289 18.83 -4.63 -30.11
N PHE C 290 17.57 -4.86 -30.48
CA PHE C 290 16.50 -4.87 -29.51
C PHE C 290 16.51 -6.06 -28.55
N GLU C 291 16.09 -5.78 -27.32
CA GLU C 291 15.96 -6.80 -26.28
C GLU C 291 14.44 -7.01 -26.34
N ASP C 292 13.98 -8.23 -26.55
CA ASP C 292 12.54 -8.44 -26.65
C ASP C 292 12.01 -9.49 -25.71
N GLU C 293 12.78 -9.76 -24.65
CA GLU C 293 12.38 -10.74 -23.65
C GLU C 293 11.98 -10.10 -22.31
N LEU C 294 11.93 -8.78 -22.25
CA LEU C 294 11.54 -8.05 -21.03
C LEU C 294 10.07 -7.62 -21.22
N THR C 295 9.19 -8.06 -20.34
CA THR C 295 7.78 -7.72 -20.48
C THR C 295 7.35 -6.37 -19.89
N PRO C 296 6.24 -5.81 -20.38
CA PRO C 296 5.76 -4.53 -19.87
C PRO C 296 5.47 -4.70 -18.37
N GLU C 297 4.96 -5.88 -18.01
CA GLU C 297 4.66 -6.17 -16.61
C GLU C 297 5.91 -6.08 -15.74
N SER C 298 6.98 -6.72 -16.21
CA SER C 298 8.25 -6.75 -15.50
C SER C 298 8.80 -5.34 -15.30
N VAL C 299 8.78 -4.55 -16.37
CA VAL C 299 9.28 -3.18 -16.29
C VAL C 299 8.42 -2.38 -15.34
N PHE C 300 7.10 -2.49 -15.48
CA PHE C 300 6.19 -1.77 -14.61
C PHE C 300 6.35 -2.19 -13.14
N ASN C 301 6.64 -3.47 -12.92
CA ASN C 301 6.84 -4.00 -11.56
C ASN C 301 8.02 -3.29 -10.88
N GLN C 302 8.93 -2.77 -11.69
CA GLN C 302 10.10 -2.02 -11.18
C GLN C 302 9.63 -0.87 -10.29
N VAL C 303 8.75 -0.06 -10.85
CA VAL C 303 8.23 1.11 -10.16
C VAL C 303 6.94 0.90 -9.39
N GLY C 304 6.13 -0.07 -9.78
CA GLY C 304 4.86 -0.29 -9.09
C GLY C 304 4.61 -1.68 -8.55
N GLY C 305 5.67 -2.35 -8.09
CA GLY C 305 5.49 -3.70 -7.57
C GLY C 305 5.23 -3.76 -6.08
N VAL C 306 5.17 -4.99 -5.57
CA VAL C 306 4.94 -5.25 -4.16
C VAL C 306 6.25 -5.14 -3.40
N ARG C 307 6.20 -4.46 -2.26
CA ARG C 307 7.39 -4.30 -1.45
C ARG C 307 7.06 -4.67 -0.02
N LEU C 308 7.90 -5.49 0.60
CA LEU C 308 7.65 -5.90 1.97
C LEU C 308 8.09 -4.83 2.97
N GLN C 309 7.32 -3.74 3.00
CA GLN C 309 7.58 -2.63 3.90
C GLN C 309 6.30 -1.80 4.07
#